data_4XVA
#
_entry.id   4XVA
#
_cell.length_a   84.110
_cell.length_b   104.760
_cell.length_c   185.250
_cell.angle_alpha   90.00
_cell.angle_beta   90.00
_cell.angle_gamma   90.00
#
_symmetry.space_group_name_H-M   'P 21 21 21'
#
loop_
_entity.id
_entity.type
_entity.pdbx_description
1 polymer 'Cytochrome c peroxidase, mitochondrial'
2 non-polymer 'PROTOPORPHYRIN IX CONTAINING FE'
3 non-polymer BENZIMIDAZOLE
4 water water
#
_entity_poly.entity_id   1
_entity_poly.type   'polypeptide(L)'
_entity_poly.pdbx_seq_one_letter_code
;TPLVHVASVEKGRSYEDFQKVYNAIALKLREDDEYDNYIGYGPVLVRLAWHTSGTWDKHDNTGGSYGGTYRFKKEFNDPS
NAGLQNGFKFLEPIHKEFPWISSGDLFSLGGVTAVQEMQGPKIPWRCGRVDTPEDTTPDNGRLPDADKDADYVRTFFQRL
NMNDREVVALMGAHALGKTHLKNSGYEGPWGAANNVFTNEFYLNLLNEDWKLEKNDANNEQWDSKSGYMMLPTDYSLIQD
PKYLSIVKEYANDQDKFFKDFSKAFEKLLENGITFPKDAPSPFIFKTLEEQGL
;
_entity_poly.pdbx_strand_id   A,C,E,G
#
loop_
_chem_comp.id
_chem_comp.type
_chem_comp.name
_chem_comp.formula
BZI non-polymer BENZIMIDAZOLE 'C7 H6 N2'
HEM non-polymer 'PROTOPORPHYRIN IX CONTAINING FE' 'C34 H32 Fe N4 O4'
#
# COMPACT_ATOMS: atom_id res chain seq x y z
N THR A 1 20.68 -1.45 18.85
CA THR A 1 20.71 -0.09 18.31
C THR A 1 21.73 0.02 17.17
N PRO A 2 21.31 0.54 16.01
CA PRO A 2 22.33 0.98 15.07
C PRO A 2 22.87 2.36 15.48
N LEU A 3 23.84 2.84 14.70
CA LEU A 3 24.46 4.13 14.88
C LEU A 3 23.41 5.24 14.71
N VAL A 4 23.55 6.33 15.46
CA VAL A 4 22.59 7.44 15.30
C VAL A 4 23.23 8.67 14.69
N HIS A 5 22.59 9.21 13.65
CA HIS A 5 23.03 10.48 13.05
C HIS A 5 22.01 11.55 13.38
N VAL A 6 22.36 12.48 14.26
CA VAL A 6 21.44 13.53 14.65
C VAL A 6 21.67 14.76 13.79
N ALA A 7 20.60 15.27 13.19
CA ALA A 7 20.67 16.48 12.37
C ALA A 7 20.88 17.74 13.24
N SER A 8 22.02 18.36 13.08
CA SER A 8 22.32 19.60 13.75
C SER A 8 22.35 20.73 12.73
N VAL A 9 21.39 21.64 12.83
CA VAL A 9 21.37 22.82 11.96
C VAL A 9 22.70 23.56 12.06
N GLU A 10 23.21 24.03 10.92
CA GLU A 10 24.38 24.88 10.90
C GLU A 10 24.02 26.10 11.76
N LYS A 11 24.95 26.56 12.62
CA LYS A 11 24.64 27.53 13.69
C LYS A 11 23.90 28.83 13.28
N GLY A 12 22.64 28.93 13.71
CA GLY A 12 21.84 30.13 13.53
C GLY A 12 21.29 30.43 12.13
N ARG A 13 21.33 29.44 11.23
CA ARG A 13 20.89 29.59 9.83
C ARG A 13 19.47 29.06 9.66
N SER A 14 18.81 29.43 8.56
CA SER A 14 17.40 29.08 8.35
C SER A 14 16.95 29.03 6.89
N TYR A 15 15.65 28.92 6.66
CA TYR A 15 15.13 28.76 5.31
C TYR A 15 15.57 29.81 4.31
N GLU A 16 15.43 31.06 4.64
CA GLU A 16 15.87 32.03 3.69
C GLU A 16 17.38 32.10 3.69
N ASP A 17 18.01 31.17 4.35
CA ASP A 17 19.44 31.14 4.40
C ASP A 17 19.86 30.14 3.38
N PHE A 18 19.15 29.03 3.39
CA PHE A 18 19.37 27.95 2.47
C PHE A 18 18.72 28.29 1.15
N GLN A 19 17.72 29.15 1.20
CA GLN A 19 17.10 29.69 -0.01
C GLN A 19 18.11 30.44 -0.87
N LYS A 20 19.05 31.12 -0.23
CA LYS A 20 20.09 31.81 -0.98
C LYS A 20 21.00 30.82 -1.67
N VAL A 21 21.25 29.67 -1.01
CA VAL A 21 22.10 28.63 -1.59
C VAL A 21 21.45 28.00 -2.82
N TYR A 22 20.15 27.69 -2.70
CA TYR A 22 19.36 27.24 -3.84
C TYR A 22 19.54 28.19 -5.02
N ASN A 23 19.46 29.50 -4.77
CA ASN A 23 19.55 30.49 -5.84
C ASN A 23 20.90 30.47 -6.56
N ALA A 24 22.00 30.40 -5.82
CA ALA A 24 23.30 30.33 -6.47
C ALA A 24 23.44 29.11 -7.41
N ILE A 25 22.91 27.98 -6.98
CA ILE A 25 22.98 26.77 -7.81
C ILE A 25 22.13 26.90 -9.08
N ALA A 26 20.86 27.26 -8.92
CA ALA A 26 19.94 27.42 -10.06
C ALA A 26 20.43 28.49 -11.04
N LEU A 27 21.11 29.50 -10.52
CA LEU A 27 21.70 30.53 -11.37
C LEU A 27 22.89 30.01 -12.17
N LYS A 28 23.79 29.29 -11.50
CA LYS A 28 24.97 28.70 -12.14
C LYS A 28 24.52 27.65 -13.16
N LEU A 29 23.35 27.10 -12.90
CA LEU A 29 22.74 26.11 -13.78
C LEU A 29 22.40 26.76 -15.12
N ARG A 30 21.97 28.02 -15.06
CA ARG A 30 21.65 28.77 -16.28
C ARG A 30 22.90 29.34 -16.93
N GLU A 31 23.95 29.59 -16.14
CA GLU A 31 25.17 30.15 -16.71
C GLU A 31 26.02 29.14 -17.50
N ASP A 32 26.27 27.97 -16.97
CA ASP A 32 27.05 26.99 -17.70
C ASP A 32 26.17 25.92 -18.29
N ASP A 33 25.31 26.32 -19.21
CA ASP A 33 24.37 25.40 -19.79
C ASP A 33 24.91 24.78 -21.04
N GLU A 34 26.18 25.01 -21.28
CA GLU A 34 26.84 24.46 -22.41
C GLU A 34 27.44 23.14 -22.09
N TYR A 35 27.34 22.74 -20.85
CA TYR A 35 27.95 21.55 -20.37
C TYR A 35 27.43 20.30 -21.04
N ASP A 36 28.32 19.41 -21.42
CA ASP A 36 27.95 18.12 -22.00
C ASP A 36 27.00 18.29 -23.20
N ASN A 37 27.48 19.01 -24.23
CA ASN A 37 26.68 19.36 -25.43
C ASN A 37 25.32 19.97 -25.11
N TYR A 38 25.36 20.98 -24.26
CA TYR A 38 24.15 21.75 -23.93
C TYR A 38 23.04 20.96 -23.24
N ILE A 39 23.39 19.87 -22.56
CA ILE A 39 22.45 19.22 -21.66
C ILE A 39 22.39 20.02 -20.34
N GLY A 40 23.52 20.60 -19.94
CA GLY A 40 23.56 21.35 -18.71
C GLY A 40 24.01 20.47 -17.55
N TYR A 41 24.16 21.10 -16.40
CA TYR A 41 24.65 20.40 -15.20
C TYR A 41 23.53 19.75 -14.39
N GLY A 42 22.30 19.91 -14.82
CA GLY A 42 21.16 19.37 -14.09
C GLY A 42 21.24 17.90 -13.77
N PRO A 43 21.28 17.04 -14.80
CA PRO A 43 21.34 15.58 -14.65
C PRO A 43 22.49 15.04 -13.76
N VAL A 44 23.71 15.54 -13.94
CA VAL A 44 24.86 15.07 -13.19
C VAL A 44 24.69 15.39 -11.70
N LEU A 45 23.96 16.45 -11.40
CA LEU A 45 23.73 16.82 -10.03
C LEU A 45 22.72 15.97 -9.30
N VAL A 46 21.74 15.47 -10.02
CA VAL A 46 20.80 14.56 -9.43
C VAL A 46 21.38 13.16 -9.35
N ARG A 47 22.31 12.83 -10.22
N ARG A 47 22.27 12.77 -10.25
CA ARG A 47 23.01 11.59 -10.09
CA ARG A 47 23.02 11.52 -10.08
C ARG A 47 23.99 11.64 -8.95
C ARG A 47 23.99 11.61 -8.90
N LEU A 48 24.61 12.78 -8.74
CA LEU A 48 25.47 12.99 -7.58
C LEU A 48 24.70 12.88 -6.23
N ALA A 49 23.49 13.46 -6.18
CA ALA A 49 22.61 13.37 -5.01
C ALA A 49 22.20 11.93 -4.70
N TRP A 50 21.91 11.16 -5.74
CA TRP A 50 21.54 9.76 -5.61
C TRP A 50 22.70 8.90 -5.11
N HIS A 51 23.89 9.15 -5.65
CA HIS A 51 25.08 8.39 -5.29
C HIS A 51 25.65 8.64 -3.86
N THR A 52 25.48 9.82 -3.28
CA THR A 52 25.98 10.04 -1.92
C THR A 52 25.03 9.40 -0.90
N SER A 53 23.77 9.27 -1.31
CA SER A 53 22.72 8.67 -0.50
C SER A 53 22.61 7.15 -0.67
N GLY A 54 22.87 6.66 -1.87
CA GLY A 54 22.63 5.27 -2.21
C GLY A 54 23.65 4.28 -1.67
N THR A 55 24.62 4.81 -0.92
CA THR A 55 25.62 4.00 -0.23
C THR A 55 25.11 3.46 1.11
N TRP A 56 23.87 3.79 1.45
CA TRP A 56 23.32 3.46 2.76
C TRP A 56 22.97 1.98 2.95
N ASP A 57 23.18 1.51 4.18
CA ASP A 57 22.76 0.19 4.59
C ASP A 57 21.83 0.37 5.77
N LYS A 58 20.57 -0.03 5.61
CA LYS A 58 19.57 0.14 6.68
C LYS A 58 19.86 -0.72 7.90
N HIS A 59 20.77 -1.64 7.76
CA HIS A 59 21.09 -2.57 8.82
C HIS A 59 21.94 -1.98 9.91
N ASP A 60 22.85 -1.10 9.57
CA ASP A 60 23.76 -0.55 10.55
C ASP A 60 24.04 0.88 10.30
N ASN A 61 23.23 1.47 9.45
CA ASN A 61 23.28 2.87 9.21
C ASN A 61 24.62 3.39 8.84
N THR A 62 25.30 2.65 7.99
CA THR A 62 26.54 3.10 7.44
C THR A 62 26.22 3.72 6.11
N GLY A 63 27.06 4.65 5.68
CA GLY A 63 26.86 5.25 4.40
C GLY A 63 25.70 6.16 4.49
N GLY A 64 25.20 6.65 3.37
CA GLY A 64 24.14 7.65 3.36
C GLY A 64 24.63 9.07 3.19
N SER A 65 23.70 10.00 3.01
CA SER A 65 24.07 11.38 2.70
C SER A 65 24.64 12.19 3.86
N TYR A 66 24.32 11.78 5.09
CA TYR A 66 24.65 12.51 6.32
C TYR A 66 26.09 12.98 6.40
N GLY A 67 27.04 12.06 6.31
CA GLY A 67 28.43 12.41 6.56
C GLY A 67 29.22 13.23 5.55
N GLY A 68 28.77 13.31 4.30
CA GLY A 68 29.46 14.03 3.25
C GLY A 68 30.76 13.43 2.80
N THR A 69 30.82 12.12 2.76
CA THR A 69 32.06 11.42 2.69
C THR A 69 32.62 11.32 1.32
N TYR A 70 31.82 11.70 0.34
CA TYR A 70 32.21 11.73 -1.05
C TYR A 70 33.40 12.63 -1.27
N ARG A 71 33.52 13.63 -0.43
CA ARG A 71 34.62 14.58 -0.51
C ARG A 71 35.92 13.86 -0.27
N PHE A 72 35.83 12.64 0.27
CA PHE A 72 37.03 11.84 0.48
C PHE A 72 37.41 11.00 -0.73
N LYS A 73 38.70 10.91 -0.95
CA LYS A 73 39.31 10.14 -2.00
C LYS A 73 38.68 8.82 -2.34
N LYS A 74 38.56 7.97 -1.36
CA LYS A 74 38.04 6.61 -1.55
C LYS A 74 36.66 6.55 -2.23
N GLU A 75 35.72 7.34 -1.74
CA GLU A 75 34.39 7.38 -2.33
C GLU A 75 34.41 8.12 -3.68
N PHE A 76 35.22 9.13 -3.78
CA PHE A 76 35.43 9.99 -4.94
C PHE A 76 35.97 9.17 -6.09
N ASN A 77 36.86 8.26 -5.79
CA ASN A 77 37.53 7.45 -6.82
C ASN A 77 36.83 6.12 -7.12
N ASP A 78 35.68 5.91 -6.48
CA ASP A 78 34.86 4.72 -6.72
C ASP A 78 34.48 4.68 -8.19
N PRO A 79 34.82 3.58 -8.89
CA PRO A 79 34.41 3.40 -10.30
C PRO A 79 32.91 3.64 -10.53
N SER A 80 32.09 3.37 -9.52
CA SER A 80 30.66 3.60 -9.65
C SER A 80 30.32 5.10 -9.74
N ASN A 81 31.25 5.94 -9.32
CA ASN A 81 31.04 7.40 -9.31
C ASN A 81 31.78 8.14 -10.46
N ALA A 82 32.31 7.43 -11.44
CA ALA A 82 33.08 8.05 -12.52
C ALA A 82 32.20 9.00 -13.28
N GLY A 83 32.69 10.20 -13.49
CA GLY A 83 31.92 11.24 -14.12
C GLY A 83 31.29 12.24 -13.19
N LEU A 84 31.27 11.95 -11.92
CA LEU A 84 30.65 12.80 -10.96
C LEU A 84 31.55 13.90 -10.48
N GLN A 85 32.81 13.87 -10.84
CA GLN A 85 33.72 14.94 -10.50
C GLN A 85 33.32 16.15 -11.26
N ASN A 86 32.43 15.96 -12.19
CA ASN A 86 31.90 17.01 -12.98
C ASN A 86 30.89 17.80 -12.18
N GLY A 87 30.17 17.12 -11.31
CA GLY A 87 29.26 17.76 -10.42
C GLY A 87 29.92 18.32 -9.19
N PHE A 88 31.00 17.70 -8.76
CA PHE A 88 31.79 18.21 -7.64
C PHE A 88 32.39 19.56 -7.94
N LYS A 89 33.05 19.67 -9.08
CA LYS A 89 33.69 20.91 -9.49
C LYS A 89 32.67 22.03 -9.73
N PHE A 90 31.46 21.68 -10.07
CA PHE A 90 30.46 22.69 -10.27
C PHE A 90 30.00 23.26 -8.94
N LEU A 91 29.98 22.46 -7.91
CA LEU A 91 29.47 22.86 -6.63
C LEU A 91 30.54 23.47 -5.79
N GLU A 92 31.72 23.60 -6.35
CA GLU A 92 32.87 24.03 -5.59
C GLU A 92 32.98 25.51 -5.34
N PRO A 93 32.64 26.34 -6.31
CA PRO A 93 32.63 27.76 -6.06
C PRO A 93 31.52 28.06 -5.13
N ILE A 94 30.48 27.27 -5.16
CA ILE A 94 29.30 27.55 -4.41
C ILE A 94 29.57 27.26 -2.96
N HIS A 95 30.52 26.38 -2.73
CA HIS A 95 30.93 25.99 -1.39
C HIS A 95 31.84 27.05 -0.78
N LYS A 96 32.54 27.80 -1.63
CA LYS A 96 33.41 28.87 -1.17
C LYS A 96 32.59 30.12 -0.93
N GLU A 97 31.47 30.25 -1.63
CA GLU A 97 30.57 31.37 -1.41
C GLU A 97 29.86 31.20 -0.08
N PHE A 98 29.47 29.96 0.25
CA PHE A 98 28.80 29.69 1.50
C PHE A 98 29.57 28.60 2.29
N PRO A 99 30.79 28.90 2.77
CA PRO A 99 31.56 27.82 3.41
C PRO A 99 30.99 27.29 4.75
N TRP A 100 29.80 27.73 5.13
CA TRP A 100 29.17 27.33 6.39
C TRP A 100 28.24 26.13 6.26
N ILE A 101 27.84 25.84 5.03
CA ILE A 101 26.96 24.70 4.71
C ILE A 101 27.81 23.40 4.66
N SER A 102 27.27 22.31 5.20
CA SER A 102 27.97 21.02 5.18
C SER A 102 27.93 20.40 3.81
N SER A 103 28.93 19.58 3.49
CA SER A 103 29.01 18.90 2.20
C SER A 103 27.74 18.12 1.96
N GLY A 104 27.36 17.33 2.96
CA GLY A 104 26.16 16.53 2.88
C GLY A 104 24.96 17.34 2.46
N ASP A 105 24.77 18.51 3.06
CA ASP A 105 23.66 19.38 2.71
C ASP A 105 23.81 19.93 1.30
N LEU A 106 25.03 20.30 0.94
CA LEU A 106 25.29 20.85 -0.38
C LEU A 106 25.01 19.80 -1.49
N PHE A 107 25.56 18.60 -1.34
CA PHE A 107 25.32 17.53 -2.29
C PHE A 107 23.79 17.25 -2.43
N SER A 108 23.08 17.12 -1.31
CA SER A 108 21.66 16.83 -1.43
C SER A 108 20.87 18.03 -1.97
N LEU A 109 21.26 19.23 -1.56
CA LEU A 109 20.53 20.42 -2.01
C LEU A 109 20.61 20.57 -3.55
N GLY A 110 21.79 20.33 -4.10
CA GLY A 110 22.04 20.43 -5.54
C GLY A 110 21.17 19.51 -6.39
N GLY A 111 20.80 18.35 -5.85
CA GLY A 111 19.95 17.40 -6.54
C GLY A 111 18.52 17.89 -6.51
N VAL A 112 18.12 18.46 -5.37
CA VAL A 112 16.80 19.05 -5.21
C VAL A 112 16.63 20.25 -6.13
N THR A 113 17.62 21.13 -6.14
CA THR A 113 17.60 22.28 -7.03
C THR A 113 17.41 21.82 -8.49
N ALA A 114 18.24 20.86 -8.89
CA ALA A 114 18.23 20.37 -10.25
C ALA A 114 16.84 19.83 -10.66
N VAL A 115 16.19 19.07 -9.80
CA VAL A 115 14.90 18.50 -10.16
C VAL A 115 13.83 19.57 -10.33
N GLN A 116 13.80 20.53 -9.41
CA GLN A 116 12.83 21.61 -9.49
C GLN A 116 13.11 22.53 -10.68
N GLU A 117 14.39 22.84 -10.91
CA GLU A 117 14.76 23.71 -12.04
C GLU A 117 14.58 23.12 -13.44
N MET A 118 14.47 21.81 -13.56
CA MET A 118 14.21 21.18 -14.84
C MET A 118 12.71 20.90 -14.94
N GLN A 119 11.94 21.66 -14.14
CA GLN A 119 10.48 21.67 -14.17
C GLN A 119 9.89 20.40 -13.60
N GLY A 120 10.62 19.77 -12.68
CA GLY A 120 10.12 18.56 -12.05
C GLY A 120 9.31 18.90 -10.82
N PRO A 121 8.86 17.88 -10.09
CA PRO A 121 8.01 18.13 -8.93
C PRO A 121 8.77 18.86 -7.84
N LYS A 122 8.09 19.31 -6.81
CA LYS A 122 8.77 19.90 -5.68
C LYS A 122 9.23 18.82 -4.73
N ILE A 123 10.41 19.04 -4.17
CA ILE A 123 11.01 18.10 -3.26
C ILE A 123 11.32 18.80 -1.98
N PRO A 124 10.64 18.42 -0.93
CA PRO A 124 10.89 19.02 0.37
C PRO A 124 12.20 18.51 0.93
N TRP A 125 12.99 19.40 1.48
CA TRP A 125 14.35 19.12 1.82
C TRP A 125 14.64 19.59 3.22
N ARG A 126 15.48 18.87 3.95
CA ARG A 126 15.85 19.23 5.32
C ARG A 126 17.32 19.45 5.52
N CYS A 127 17.70 20.37 6.39
CA CYS A 127 19.12 20.61 6.66
C CYS A 127 19.55 19.85 7.92
N GLY A 128 20.84 19.87 8.22
CA GLY A 128 21.32 19.24 9.43
C GLY A 128 22.39 18.17 9.28
N ARG A 129 22.90 17.99 8.10
CA ARG A 129 23.91 16.99 7.89
C ARG A 129 25.22 17.55 8.38
N VAL A 130 26.01 16.74 9.06
CA VAL A 130 27.28 17.17 9.57
C VAL A 130 28.42 16.32 9.06
N ASP A 131 29.50 16.96 8.67
CA ASP A 131 30.66 16.28 8.16
C ASP A 131 31.30 15.33 9.14
N THR A 132 31.54 14.11 8.72
CA THR A 132 32.15 13.11 9.58
C THR A 132 33.55 12.70 9.06
N PRO A 133 34.38 12.05 9.84
CA PRO A 133 35.76 11.80 9.43
C PRO A 133 36.00 10.77 8.33
N GLU A 134 37.19 10.80 7.78
CA GLU A 134 37.56 9.96 6.67
C GLU A 134 37.16 8.50 6.79
N ASP A 135 37.40 7.92 7.94
CA ASP A 135 37.12 6.51 8.12
C ASP A 135 35.68 6.20 8.30
N THR A 136 34.86 7.18 8.03
CA THR A 136 33.43 7.06 8.03
C THR A 136 32.97 6.77 6.64
N THR A 137 33.88 6.92 5.72
CA THR A 137 33.66 6.63 4.34
C THR A 137 33.43 5.17 4.10
N PRO A 138 32.35 4.87 3.40
CA PRO A 138 31.97 3.49 3.07
C PRO A 138 32.86 2.87 1.99
N ASP A 139 32.96 1.56 2.00
CA ASP A 139 33.80 0.85 1.06
C ASP A 139 33.11 0.80 -0.26
N ASN A 140 33.89 0.77 -1.33
CA ASN A 140 33.33 0.76 -2.67
C ASN A 140 32.52 -0.50 -2.85
N GLY A 141 31.50 -0.44 -3.69
CA GLY A 141 30.73 -1.62 -4.03
C GLY A 141 29.32 -1.60 -3.52
N ARG A 142 28.85 -0.48 -3.04
CA ARG A 142 27.54 -0.40 -2.46
C ARG A 142 26.47 0.08 -3.41
N LEU A 143 26.87 0.68 -4.50
CA LEU A 143 25.97 1.15 -5.53
C LEU A 143 25.73 0.06 -6.60
N PRO A 144 24.62 0.17 -7.34
CA PRO A 144 24.25 -1.01 -8.14
C PRO A 144 24.95 -1.16 -9.50
N ASP A 145 25.04 -2.41 -9.97
CA ASP A 145 25.50 -2.77 -11.32
C ASP A 145 24.37 -2.60 -12.33
N ALA A 146 24.72 -2.29 -13.59
CA ALA A 146 23.71 -2.05 -14.62
C ALA A 146 23.35 -3.30 -15.44
N ASP A 147 24.12 -4.36 -15.22
CA ASP A 147 24.08 -5.52 -16.12
C ASP A 147 23.18 -6.66 -15.60
N LYS A 148 22.21 -6.33 -14.76
CA LYS A 148 21.48 -7.36 -14.04
C LYS A 148 20.01 -7.34 -14.24
N ASP A 149 19.35 -8.38 -13.78
CA ASP A 149 17.93 -8.56 -14.02
C ASP A 149 17.04 -8.06 -12.91
N ALA A 150 15.75 -8.30 -13.04
CA ALA A 150 14.77 -7.63 -12.23
C ALA A 150 14.86 -7.86 -10.75
N ASP A 151 15.39 -8.99 -10.36
CA ASP A 151 15.34 -9.32 -8.98
C ASP A 151 16.63 -8.99 -8.28
N TYR A 152 17.66 -8.68 -9.04
CA TYR A 152 18.82 -8.08 -8.46
C TYR A 152 18.42 -6.74 -7.95
N VAL A 153 17.80 -5.97 -8.81
CA VAL A 153 17.32 -4.66 -8.48
C VAL A 153 16.40 -4.69 -7.28
N ARG A 154 15.53 -5.68 -7.24
CA ARG A 154 14.63 -5.79 -6.12
C ARG A 154 15.34 -6.04 -4.81
N THR A 155 16.18 -7.05 -4.73
CA THR A 155 16.94 -7.28 -3.54
C THR A 155 17.75 -6.10 -3.19
N PHE A 156 18.42 -5.52 -4.16
CA PHE A 156 19.32 -4.45 -3.91
C PHE A 156 18.64 -3.34 -3.21
N PHE A 157 17.51 -2.92 -3.71
CA PHE A 157 16.88 -1.73 -3.16
C PHE A 157 16.28 -1.97 -1.78
N GLN A 158 16.20 -3.23 -1.36
CA GLN A 158 15.71 -3.52 -0.03
C GLN A 158 16.66 -2.99 1.04
N ARG A 159 17.94 -2.93 0.70
CA ARG A 159 18.95 -2.43 1.61
C ARG A 159 18.73 -0.93 1.83
N LEU A 160 18.13 -0.26 0.85
CA LEU A 160 17.86 1.17 0.95
C LEU A 160 16.47 1.44 1.48
N ASN A 161 15.80 0.36 1.90
CA ASN A 161 14.44 0.42 2.45
C ASN A 161 13.40 0.95 1.45
N MET A 162 13.51 0.47 0.21
CA MET A 162 12.63 0.90 -0.87
C MET A 162 11.83 -0.28 -1.47
N ASN A 163 10.54 -0.07 -1.66
CA ASN A 163 9.66 -1.11 -2.22
C ASN A 163 9.41 -0.88 -3.72
N ASP A 164 8.65 -1.79 -4.34
CA ASP A 164 8.44 -1.76 -5.78
C ASP A 164 8.00 -0.43 -6.37
N ARG A 165 7.04 0.23 -5.74
CA ARG A 165 6.55 1.50 -6.24
C ARG A 165 7.65 2.55 -6.14
N GLU A 166 8.45 2.49 -5.08
CA GLU A 166 9.53 3.45 -4.89
C GLU A 166 10.71 3.31 -5.89
N VAL A 167 11.07 2.11 -6.27
CA VAL A 167 12.18 1.91 -7.20
C VAL A 167 11.82 2.23 -8.64
N VAL A 168 10.59 1.99 -9.02
CA VAL A 168 10.10 2.35 -10.33
C VAL A 168 10.03 3.89 -10.49
N ALA A 169 9.58 4.58 -9.45
CA ALA A 169 9.51 6.03 -9.47
C ALA A 169 10.88 6.71 -9.47
N LEU A 170 11.81 6.20 -8.66
CA LEU A 170 13.15 6.76 -8.61
C LEU A 170 13.84 6.66 -9.96
N MET A 171 13.57 5.57 -10.67
CA MET A 171 14.22 5.29 -11.95
C MET A 171 13.79 6.25 -13.07
N GLY A 172 12.63 6.89 -12.88
CA GLY A 172 12.14 7.91 -13.79
C GLY A 172 13.11 9.06 -13.90
N ALA A 173 14.10 9.11 -13.01
CA ALA A 173 15.14 10.12 -13.08
C ALA A 173 16.01 9.91 -14.30
N HIS A 174 15.89 8.72 -14.89
CA HIS A 174 16.64 8.38 -16.11
C HIS A 174 16.09 8.98 -17.41
N ALA A 175 15.06 9.81 -17.30
CA ALA A 175 14.67 10.66 -18.42
C ALA A 175 15.73 11.73 -18.61
N LEU A 176 16.52 11.95 -17.57
CA LEU A 176 17.51 12.98 -17.55
C LEU A 176 18.87 12.50 -17.94
N GLY A 177 19.54 13.26 -18.78
CA GLY A 177 20.92 13.00 -19.12
C GLY A 177 21.23 11.88 -20.06
N LYS A 178 22.42 11.33 -19.94
CA LYS A 178 22.86 10.24 -20.79
C LYS A 178 23.92 9.40 -20.15
N THR A 179 24.20 8.26 -20.74
CA THR A 179 25.33 7.45 -20.28
C THR A 179 26.52 7.83 -21.13
N HIS A 180 27.71 7.76 -20.55
CA HIS A 180 28.93 8.10 -21.28
C HIS A 180 29.90 6.96 -21.26
N LEU A 181 30.19 6.43 -22.44
CA LEU A 181 31.02 5.23 -22.59
C LEU A 181 32.23 5.22 -21.67
N LYS A 182 32.94 6.33 -21.54
CA LYS A 182 34.15 6.32 -20.71
C LYS A 182 33.82 6.37 -19.22
N ASN A 183 32.59 6.66 -18.88
CA ASN A 183 32.21 6.72 -17.48
C ASN A 183 31.74 5.39 -16.99
N SER A 184 30.83 4.78 -17.70
CA SER A 184 30.13 3.62 -17.19
C SER A 184 30.28 2.38 -18.07
N GLY A 185 30.75 2.57 -19.30
CA GLY A 185 30.82 1.49 -20.26
C GLY A 185 29.49 1.33 -20.99
N TYR A 186 28.71 2.41 -21.07
CA TYR A 186 27.43 2.46 -21.76
C TYR A 186 27.32 3.83 -22.48
N GLU A 187 26.71 3.85 -23.65
CA GLU A 187 26.59 5.07 -24.41
C GLU A 187 25.21 5.33 -25.02
N GLY A 188 24.76 6.56 -24.93
CA GLY A 188 23.44 6.95 -25.43
C GLY A 188 22.51 7.51 -24.37
N PRO A 189 21.51 8.29 -24.81
CA PRO A 189 20.49 8.81 -23.91
C PRO A 189 19.33 7.83 -23.77
N TRP A 190 18.50 8.04 -22.75
CA TRP A 190 17.28 7.27 -22.63
C TRP A 190 16.17 8.00 -23.38
N GLY A 191 16.37 9.30 -23.64
CA GLY A 191 15.32 10.10 -24.25
C GLY A 191 15.76 11.33 -25.04
N ALA A 192 14.77 12.10 -25.49
CA ALA A 192 14.99 13.26 -26.33
C ALA A 192 15.06 14.55 -25.52
N ALA A 193 14.16 14.65 -24.54
CA ALA A 193 14.12 15.76 -23.58
C ALA A 193 15.11 15.50 -22.45
N ASN A 194 16.37 15.83 -22.68
CA ASN A 194 17.48 15.54 -21.80
C ASN A 194 17.55 16.30 -20.47
N ASN A 195 17.10 17.55 -20.49
CA ASN A 195 17.20 18.39 -19.31
C ASN A 195 15.87 18.97 -18.82
N VAL A 196 14.75 18.30 -19.13
CA VAL A 196 13.49 18.68 -18.49
C VAL A 196 12.85 17.43 -17.88
N PHE A 197 12.36 17.56 -16.65
CA PHE A 197 11.85 16.42 -15.89
C PHE A 197 10.42 16.07 -16.35
N THR A 198 10.25 14.88 -16.95
CA THR A 198 8.95 14.39 -17.44
C THR A 198 8.81 12.88 -17.17
N ASN A 199 7.75 12.28 -17.71
CA ASN A 199 7.59 10.85 -17.61
C ASN A 199 8.00 10.07 -18.84
N GLU A 200 8.87 10.65 -19.65
CA GLU A 200 9.33 10.06 -20.92
C GLU A 200 10.05 8.70 -20.73
N PHE A 201 10.62 8.48 -19.56
CA PHE A 201 11.33 7.24 -19.29
C PHE A 201 10.43 6.01 -19.52
N TYR A 202 9.25 6.07 -18.92
CA TYR A 202 8.26 4.99 -19.02
C TYR A 202 7.62 4.91 -20.41
N LEU A 203 7.40 6.09 -21.03
CA LEU A 203 6.83 6.15 -22.38
C LEU A 203 7.74 5.41 -23.34
N ASN A 204 8.99 5.83 -23.42
CA ASN A 204 9.97 5.21 -24.31
C ASN A 204 10.11 3.74 -23.99
N LEU A 205 10.01 3.45 -22.70
CA LEU A 205 10.16 2.08 -22.24
C LEU A 205 9.04 1.25 -22.85
N LEU A 206 7.86 1.83 -22.99
CA LEU A 206 6.74 1.08 -23.52
C LEU A 206 6.44 1.26 -25.01
N ASN A 207 7.14 2.18 -25.68
CA ASN A 207 6.72 2.53 -27.03
C ASN A 207 7.71 2.26 -28.13
N GLU A 208 8.98 2.16 -27.81
CA GLU A 208 9.95 1.99 -28.85
C GLU A 208 10.17 0.55 -29.15
N ASP A 209 10.90 0.32 -30.23
CA ASP A 209 11.26 -1.01 -30.65
C ASP A 209 12.67 -1.24 -30.21
N TRP A 210 12.86 -2.15 -29.27
CA TRP A 210 14.15 -2.39 -28.62
C TRP A 210 14.93 -3.61 -29.12
N LYS A 211 16.24 -3.52 -29.21
CA LYS A 211 17.07 -4.66 -29.57
C LYS A 211 18.25 -4.83 -28.63
N LEU A 212 18.56 -6.06 -28.30
CA LEU A 212 19.69 -6.33 -27.44
C LEU A 212 20.95 -6.33 -28.28
N GLU A 213 21.89 -5.47 -27.90
CA GLU A 213 23.16 -5.28 -28.60
C GLU A 213 24.35 -5.14 -27.66
N LYS A 214 25.54 -5.32 -28.21
CA LYS A 214 26.77 -4.95 -27.51
C LYS A 214 27.13 -3.52 -27.98
N ASN A 215 27.57 -2.67 -27.06
CA ASN A 215 28.07 -1.33 -27.39
C ASN A 215 29.56 -1.44 -27.66
N ASP A 216 30.25 -0.30 -27.77
CA ASP A 216 31.68 -0.27 -28.09
C ASP A 216 32.60 -0.77 -26.99
N ALA A 217 32.08 -0.84 -25.77
CA ALA A 217 32.80 -1.40 -24.62
C ALA A 217 32.46 -2.88 -24.52
N ASN A 218 31.75 -3.38 -25.52
CA ASN A 218 31.35 -4.77 -25.58
C ASN A 218 30.39 -5.23 -24.48
N ASN A 219 29.65 -4.28 -23.92
CA ASN A 219 28.60 -4.62 -22.96
C ASN A 219 27.24 -4.61 -23.62
N GLU A 220 26.30 -5.35 -23.04
CA GLU A 220 24.96 -5.41 -23.58
C GLU A 220 24.14 -4.19 -23.18
N GLN A 221 23.38 -3.64 -24.11
CA GLN A 221 22.38 -2.65 -23.78
C GLN A 221 21.21 -2.71 -24.77
N TRP A 222 20.05 -2.22 -24.38
CA TRP A 222 18.92 -2.22 -25.29
C TRP A 222 18.89 -0.96 -26.15
N ASP A 223 18.83 -1.11 -27.47
CA ASP A 223 18.83 0.05 -28.36
C ASP A 223 17.55 0.18 -29.18
N SER A 224 17.13 1.40 -29.42
CA SER A 224 15.93 1.63 -30.18
C SER A 224 16.35 2.22 -31.49
N LYS A 225 15.43 2.20 -32.43
CA LYS A 225 15.72 2.70 -33.76
C LYS A 225 15.78 4.20 -33.72
N SER A 226 15.19 4.78 -32.69
CA SER A 226 15.17 6.21 -32.52
C SER A 226 16.50 6.79 -32.05
N GLY A 227 17.35 5.95 -31.52
CA GLY A 227 18.66 6.38 -31.10
C GLY A 227 18.78 6.48 -29.62
N TYR A 228 17.86 5.85 -28.91
CA TYR A 228 17.87 5.84 -27.46
C TYR A 228 18.42 4.50 -27.02
N MET A 229 18.64 4.38 -25.71
CA MET A 229 19.03 3.13 -25.11
C MET A 229 18.38 2.89 -23.73
N MET A 230 18.50 1.66 -23.28
CA MET A 230 18.09 1.28 -21.94
C MET A 230 19.12 0.32 -21.38
N LEU A 231 19.47 0.49 -20.11
CA LEU A 231 20.33 -0.48 -19.44
C LEU A 231 19.56 -1.77 -19.21
N PRO A 232 20.29 -2.90 -19.11
CA PRO A 232 19.66 -4.18 -18.74
C PRO A 232 18.78 -4.05 -17.49
N THR A 233 19.23 -3.26 -16.51
CA THR A 233 18.45 -3.02 -15.29
C THR A 233 17.19 -2.17 -15.53
N ASP A 234 17.27 -1.22 -16.46
CA ASP A 234 16.11 -0.44 -16.94
C ASP A 234 15.10 -1.32 -17.66
N TYR A 235 15.60 -2.16 -18.57
CA TYR A 235 14.72 -2.99 -19.39
C TYR A 235 14.05 -4.07 -18.57
N SER A 236 14.62 -4.42 -17.43
CA SER A 236 13.98 -5.41 -16.57
C SER A 236 12.72 -4.82 -15.91
N LEU A 237 12.57 -3.51 -15.97
CA LEU A 237 11.39 -2.96 -15.35
C LEU A 237 10.13 -3.28 -16.15
N ILE A 238 10.30 -3.86 -17.35
CA ILE A 238 9.17 -4.34 -18.12
C ILE A 238 9.19 -5.86 -18.35
N GLN A 239 10.23 -6.50 -17.87
CA GLN A 239 10.33 -7.95 -17.94
C GLN A 239 9.67 -8.60 -16.73
N ASP A 240 9.49 -7.78 -15.70
CA ASP A 240 8.92 -8.16 -14.41
C ASP A 240 7.47 -7.62 -14.31
N PRO A 241 6.51 -8.52 -14.02
CA PRO A 241 5.07 -8.20 -13.97
C PRO A 241 4.71 -7.14 -12.92
N LYS A 242 5.34 -7.20 -11.74
CA LYS A 242 5.10 -6.20 -10.68
C LYS A 242 5.65 -4.81 -11.02
N TYR A 243 6.86 -4.77 -11.58
CA TYR A 243 7.44 -3.51 -12.02
C TYR A 243 6.62 -2.99 -13.20
N LEU A 244 6.24 -3.90 -14.10
CA LEU A 244 5.54 -3.60 -15.34
C LEU A 244 4.27 -2.77 -15.13
N SER A 245 3.43 -3.17 -14.18
CA SER A 245 2.19 -2.45 -13.96
C SER A 245 2.40 -1.03 -13.36
N ILE A 246 3.50 -0.83 -12.66
CA ILE A 246 3.77 0.45 -12.07
C ILE A 246 4.35 1.40 -13.11
N VAL A 247 5.03 0.82 -14.08
CA VAL A 247 5.52 1.52 -15.27
C VAL A 247 4.39 2.00 -16.15
N LYS A 248 3.43 1.11 -16.43
CA LYS A 248 2.26 1.47 -17.23
C LYS A 248 1.50 2.58 -16.50
N GLU A 249 1.47 2.48 -15.18
CA GLU A 249 0.81 3.46 -14.36
C GLU A 249 1.46 4.84 -14.54
N TYR A 250 2.79 4.90 -14.54
CA TYR A 250 3.49 6.18 -14.63
C TYR A 250 3.48 6.76 -16.06
N ALA A 251 3.35 5.89 -17.05
CA ALA A 251 3.25 6.33 -18.44
C ALA A 251 1.87 6.92 -18.76
N ASN A 252 0.84 6.51 -18.01
CA ASN A 252 -0.50 7.11 -18.17
C ASN A 252 -0.73 8.36 -17.36
N ASP A 253 0.03 8.51 -16.28
CA ASP A 253 -0.24 9.56 -15.29
C ASP A 253 1.04 10.22 -14.74
N GLN A 254 1.46 11.32 -15.33
CA GLN A 254 2.64 12.01 -14.92
C GLN A 254 2.48 12.78 -13.63
N ASP A 255 1.25 13.02 -13.19
CA ASP A 255 1.06 13.66 -11.89
C ASP A 255 1.30 12.69 -10.75
N LYS A 256 0.92 11.43 -10.94
CA LYS A 256 1.16 10.45 -9.90
C LYS A 256 2.67 10.19 -9.79
N PHE A 257 3.32 10.12 -10.95
CA PHE A 257 4.77 9.98 -11.00
C PHE A 257 5.46 11.09 -10.19
N PHE A 258 5.02 12.31 -10.33
CA PHE A 258 5.67 13.42 -9.68
C PHE A 258 5.56 13.37 -8.19
N LYS A 259 4.42 12.97 -7.69
CA LYS A 259 4.25 12.89 -6.25
C LYS A 259 5.01 11.70 -5.68
N ASP A 260 4.94 10.56 -6.35
CA ASP A 260 5.63 9.36 -5.87
C ASP A 260 7.14 9.53 -5.90
N PHE A 261 7.64 10.20 -6.94
CA PHE A 261 9.07 10.51 -7.05
C PHE A 261 9.52 11.49 -5.97
N SER A 262 8.66 12.45 -5.66
CA SER A 262 8.99 13.45 -4.66
C SER A 262 9.19 12.82 -3.28
N LYS A 263 8.25 11.96 -2.91
CA LYS A 263 8.32 11.26 -1.66
C LYS A 263 9.56 10.34 -1.66
N ALA A 264 9.84 9.72 -2.78
CA ALA A 264 10.90 8.70 -2.83
C ALA A 264 12.29 9.32 -2.88
N PHE A 265 12.41 10.48 -3.48
CA PHE A 265 13.67 11.19 -3.54
C PHE A 265 13.98 11.82 -2.17
N GLU A 266 12.94 12.30 -1.48
CA GLU A 266 13.14 12.89 -0.15
C GLU A 266 13.61 11.83 0.84
N LYS A 267 12.89 10.72 0.89
CA LYS A 267 13.27 9.60 1.70
C LYS A 267 14.67 9.13 1.41
N LEU A 268 14.99 9.04 0.15
CA LEU A 268 16.30 8.65 -0.32
C LEU A 268 17.33 9.54 0.26
N LEU A 269 17.10 10.82 0.18
CA LEU A 269 18.11 11.77 0.63
C LEU A 269 18.25 11.83 2.17
N GLU A 270 17.24 11.36 2.90
CA GLU A 270 17.23 11.46 4.36
C GLU A 270 17.49 10.15 5.12
N ASN A 271 17.50 9.03 4.42
CA ASN A 271 17.73 7.73 5.02
C ASN A 271 18.93 7.78 5.97
N GLY A 272 18.75 7.23 7.16
CA GLY A 272 19.81 7.19 8.16
C GLY A 272 19.85 8.36 9.15
N ILE A 273 19.08 9.41 8.87
CA ILE A 273 19.09 10.61 9.70
C ILE A 273 17.95 10.72 10.69
N THR A 274 18.31 11.01 11.94
CA THR A 274 17.33 11.35 12.97
C THR A 274 17.13 12.86 13.14
N PHE A 275 15.88 13.28 12.99
CA PHE A 275 15.51 14.67 13.18
C PHE A 275 14.81 14.88 14.55
N PRO A 276 15.39 15.76 15.39
CA PRO A 276 14.80 16.15 16.68
C PRO A 276 13.46 16.85 16.54
N LYS A 277 12.61 16.78 17.57
CA LYS A 277 11.22 17.23 17.47
C LYS A 277 11.17 18.75 17.30
N ASP A 278 12.22 19.40 17.78
CA ASP A 278 12.41 20.84 17.65
C ASP A 278 13.28 21.26 16.45
N ALA A 279 13.38 20.36 15.46
CA ALA A 279 14.10 20.71 14.24
C ALA A 279 13.16 21.49 13.33
N PRO A 280 13.72 22.45 12.56
CA PRO A 280 12.88 23.21 11.64
C PRO A 280 12.23 22.29 10.63
N SER A 281 10.97 22.56 10.32
CA SER A 281 10.20 21.80 9.33
C SER A 281 10.86 21.82 7.93
N PRO A 282 10.56 20.83 7.12
CA PRO A 282 11.18 20.73 5.80
C PRO A 282 10.97 21.96 4.95
N PHE A 283 11.99 22.37 4.25
CA PHE A 283 11.88 23.56 3.42
C PHE A 283 11.34 23.22 2.02
N ILE A 284 10.35 23.98 1.57
CA ILE A 284 9.97 23.91 0.17
C ILE A 284 10.43 25.20 -0.50
N PHE A 285 11.53 25.10 -1.27
CA PHE A 285 12.12 26.27 -1.91
C PHE A 285 11.32 26.68 -3.14
N LYS A 286 11.40 27.96 -3.49
CA LYS A 286 10.67 28.47 -4.65
C LYS A 286 11.60 28.32 -5.85
N THR A 287 11.03 28.05 -7.02
CA THR A 287 11.85 27.96 -8.22
C THR A 287 12.31 29.37 -8.59
N LEU A 288 13.24 29.48 -9.51
CA LEU A 288 13.76 30.78 -9.90
C LEU A 288 12.66 31.61 -10.59
N GLU A 289 11.72 30.91 -11.21
CA GLU A 289 10.64 31.59 -11.89
C GLU A 289 9.59 32.08 -10.89
N GLU A 290 9.45 31.36 -9.80
CA GLU A 290 8.54 31.75 -8.74
C GLU A 290 9.07 32.95 -7.95
N GLN A 291 10.24 33.45 -8.29
CA GLN A 291 10.82 34.57 -7.57
C GLN A 291 11.22 35.66 -8.54
N GLY A 292 10.77 35.52 -9.77
CA GLY A 292 11.04 36.51 -10.77
C GLY A 292 12.51 36.69 -10.98
N LEU A 293 13.16 35.61 -11.34
CA LEU A 293 14.57 35.66 -11.71
C LEU A 293 14.90 34.89 -13.00
N PRO B 2 -34.76 -18.74 17.20
CA PRO B 2 -33.80 -18.03 16.35
C PRO B 2 -33.21 -16.81 17.01
N LEU B 3 -31.90 -16.84 17.16
CA LEU B 3 -31.15 -15.77 17.81
C LEU B 3 -31.07 -14.55 16.91
N VAL B 4 -31.42 -13.38 17.44
CA VAL B 4 -31.31 -12.13 16.68
C VAL B 4 -30.43 -11.09 17.42
N HIS B 5 -29.45 -10.54 16.74
CA HIS B 5 -28.62 -9.52 17.34
C HIS B 5 -28.84 -8.17 16.70
N VAL B 6 -29.44 -7.26 17.43
CA VAL B 6 -29.78 -5.95 16.86
C VAL B 6 -28.73 -4.87 17.15
N ALA B 7 -28.37 -4.12 16.13
CA ALA B 7 -27.36 -3.06 16.29
C ALA B 7 -27.87 -1.89 17.16
N SER B 8 -27.24 -1.66 18.31
CA SER B 8 -27.57 -0.50 19.13
C SER B 8 -26.46 0.53 19.15
N VAL B 9 -26.68 1.64 18.46
CA VAL B 9 -25.76 2.75 18.45
C VAL B 9 -25.55 3.22 19.87
N GLU B 10 -24.30 3.45 20.25
CA GLU B 10 -23.99 3.97 21.58
C GLU B 10 -24.72 5.30 21.85
N LYS B 11 -25.33 5.41 23.04
CA LYS B 11 -26.26 6.50 23.37
C LYS B 11 -25.69 7.90 23.12
N GLY B 12 -26.29 8.61 22.17
CA GLY B 12 -25.91 9.98 21.89
C GLY B 12 -24.61 10.08 21.11
N ARG B 13 -24.20 8.98 20.49
CA ARG B 13 -22.97 8.95 19.72
C ARG B 13 -23.24 9.25 18.25
N SER B 14 -22.16 9.48 17.52
CA SER B 14 -22.24 9.92 16.15
C SER B 14 -20.94 9.68 15.41
N TYR B 15 -20.94 10.01 14.13
CA TYR B 15 -19.80 9.81 13.26
C TYR B 15 -18.53 10.33 13.86
N GLU B 16 -18.47 11.63 14.02
CA GLU B 16 -17.25 12.30 14.41
C GLU B 16 -16.65 11.75 15.69
N ASP B 17 -17.47 11.14 16.51
CA ASP B 17 -16.97 10.39 17.61
C ASP B 17 -16.05 9.33 17.04
N PHE B 18 -16.69 8.35 16.45
CA PHE B 18 -16.02 7.17 15.98
C PHE B 18 -14.80 7.54 15.20
N GLN B 19 -14.84 8.70 14.55
CA GLN B 19 -13.72 9.20 13.79
C GLN B 19 -12.48 9.45 14.64
N LYS B 20 -12.66 9.71 15.93
CA LYS B 20 -11.52 9.98 16.78
C LYS B 20 -10.86 8.68 17.17
N VAL B 21 -11.66 7.65 17.41
CA VAL B 21 -11.07 6.36 17.59
C VAL B 21 -10.23 5.98 16.40
N TYR B 22 -10.77 6.11 15.21
CA TYR B 22 -9.99 5.79 14.04
C TYR B 22 -8.63 6.45 14.16
N ASN B 23 -8.65 7.76 14.45
CA ASN B 23 -7.44 8.56 14.58
C ASN B 23 -6.63 8.10 15.79
N ALA B 24 -7.34 7.83 16.88
CA ALA B 24 -6.72 7.28 18.08
C ALA B 24 -6.01 5.96 17.74
N ILE B 25 -6.57 5.16 16.83
CA ILE B 25 -5.87 3.97 16.33
C ILE B 25 -4.71 4.29 15.36
N ALA B 26 -5.02 5.11 14.35
CA ALA B 26 -4.06 5.46 13.29
C ALA B 26 -2.76 6.18 13.70
N LEU B 27 -2.83 6.98 14.76
CA LEU B 27 -1.67 7.70 15.30
C LEU B 27 -0.68 6.75 15.98
N LYS B 28 -1.21 5.88 16.83
CA LYS B 28 -0.42 4.84 17.50
C LYS B 28 0.14 3.88 16.47
N LEU B 29 -0.57 3.72 15.35
CA LEU B 29 -0.14 2.87 14.27
C LEU B 29 1.13 3.47 13.70
N ARG B 30 1.12 4.81 13.63
CA ARG B 30 2.24 5.59 13.09
C ARG B 30 3.37 5.68 14.09
N GLU B 31 3.04 5.70 15.35
CA GLU B 31 4.04 5.76 16.37
C GLU B 31 4.81 4.49 16.53
N ASP B 32 4.08 3.37 16.52
CA ASP B 32 4.66 2.07 16.83
C ASP B 32 5.09 1.31 15.57
N ASP B 33 6.05 1.87 14.89
CA ASP B 33 6.51 1.37 13.63
C ASP B 33 7.72 0.48 13.77
N GLU B 34 7.90 -0.09 14.94
CA GLU B 34 9.01 -0.97 15.15
C GLU B 34 8.52 -2.36 15.43
N TYR B 35 7.23 -2.50 15.63
CA TYR B 35 6.64 -3.77 15.90
C TYR B 35 6.88 -4.76 14.82
N ASP B 36 7.31 -5.92 15.24
CA ASP B 36 7.50 -7.07 14.37
C ASP B 36 8.46 -6.70 13.27
N ASN B 37 9.70 -6.39 13.65
CA ASN B 37 10.77 -6.02 12.72
C ASN B 37 10.35 -4.97 11.69
N TYR B 38 9.75 -3.90 12.18
CA TYR B 38 9.41 -2.74 11.36
C TYR B 38 8.22 -2.92 10.43
N ILE B 39 7.47 -4.00 10.59
CA ILE B 39 6.29 -4.17 9.74
C ILE B 39 5.17 -3.30 10.31
N GLY B 40 5.11 -3.21 11.62
CA GLY B 40 4.04 -2.45 12.23
C GLY B 40 2.90 -3.33 12.65
N TYR B 41 1.92 -2.71 13.34
CA TYR B 41 0.80 -3.41 13.94
C TYR B 41 -0.33 -3.53 12.95
N GLY B 42 -0.12 -3.01 11.74
CA GLY B 42 -1.13 -3.05 10.70
C GLY B 42 -1.72 -4.42 10.39
N PRO B 43 -0.87 -5.34 9.92
CA PRO B 43 -1.30 -6.69 9.55
C PRO B 43 -2.02 -7.43 10.68
N VAL B 44 -1.42 -7.44 11.87
CA VAL B 44 -2.01 -8.20 12.97
C VAL B 44 -3.38 -7.65 13.39
N LEU B 45 -3.60 -6.37 13.12
CA LEU B 45 -4.88 -5.74 13.40
C LEU B 45 -5.96 -6.19 12.42
N VAL B 46 -5.60 -6.51 11.17
CA VAL B 46 -6.62 -6.96 10.21
C VAL B 46 -7.06 -8.40 10.48
N ARG B 47 -6.07 -9.21 10.85
CA ARG B 47 -6.30 -10.59 11.24
C ARG B 47 -7.25 -10.65 12.42
N LEU B 48 -6.96 -9.85 13.44
CA LEU B 48 -7.80 -9.78 14.62
C LEU B 48 -9.23 -9.45 14.23
N ALA B 49 -9.39 -8.52 13.30
CA ALA B 49 -10.69 -8.18 12.78
C ALA B 49 -11.34 -9.40 12.12
N TRP B 50 -10.58 -10.11 11.30
CA TRP B 50 -11.06 -11.32 10.63
C TRP B 50 -11.35 -12.49 11.58
N HIS B 51 -10.49 -12.72 12.53
CA HIS B 51 -10.70 -13.81 13.45
C HIS B 51 -11.87 -13.65 14.42
N THR B 52 -12.17 -12.43 14.86
CA THR B 52 -13.28 -12.23 15.79
C THR B 52 -14.62 -12.39 15.08
N SER B 53 -14.59 -12.26 13.75
CA SER B 53 -15.73 -12.41 12.87
C SER B 53 -15.95 -13.84 12.28
N GLY B 54 -14.86 -14.53 12.02
CA GLY B 54 -14.90 -15.81 11.32
C GLY B 54 -15.39 -16.97 12.18
N THR B 55 -15.79 -16.67 13.42
CA THR B 55 -16.39 -17.66 14.32
C THR B 55 -17.90 -17.78 14.06
N TRP B 56 -18.39 -17.01 13.10
CA TRP B 56 -19.84 -16.90 12.88
C TRP B 56 -20.38 -18.15 12.23
N ASP B 57 -21.57 -18.57 12.64
CA ASP B 57 -22.26 -19.72 12.06
C ASP B 57 -23.62 -19.26 11.52
N LYS B 58 -23.77 -19.29 10.19
CA LYS B 58 -24.99 -18.82 9.53
C LYS B 58 -26.19 -19.71 9.83
N HIS B 59 -25.94 -20.92 10.31
CA HIS B 59 -27.05 -21.81 10.58
C HIS B 59 -27.86 -21.31 11.78
N ASP B 60 -27.17 -20.78 12.79
CA ASP B 60 -27.83 -20.44 14.06
C ASP B 60 -27.48 -19.03 14.56
N ASN B 61 -26.71 -18.30 13.76
CA ASN B 61 -26.27 -16.94 14.10
C ASN B 61 -25.46 -16.82 15.41
N THR B 62 -24.84 -17.92 15.85
CA THR B 62 -23.90 -17.88 16.99
C THR B 62 -22.53 -17.39 16.56
N GLY B 63 -21.75 -16.86 17.51
CA GLY B 63 -20.45 -16.33 17.18
C GLY B 63 -20.49 -15.06 16.33
N GLY B 64 -19.34 -14.67 15.77
CA GLY B 64 -19.28 -13.42 15.00
C GLY B 64 -18.81 -12.23 15.84
N SER B 65 -18.62 -11.12 15.18
CA SER B 65 -18.07 -9.93 15.82
C SER B 65 -19.01 -9.21 16.74
N TYR B 66 -20.29 -9.46 16.63
CA TYR B 66 -21.24 -8.77 17.45
C TYR B 66 -20.91 -8.68 18.90
N GLY B 67 -20.78 -9.82 19.55
CA GLY B 67 -20.66 -9.88 20.99
C GLY B 67 -19.32 -9.57 21.56
N GLY B 68 -18.33 -9.45 20.71
CA GLY B 68 -16.99 -9.11 21.13
C GLY B 68 -16.41 -10.09 22.09
N THR B 69 -16.72 -11.36 21.92
CA THR B 69 -16.36 -12.37 22.91
C THR B 69 -14.87 -12.74 23.00
N TYR B 70 -14.06 -12.18 22.11
CA TYR B 70 -12.62 -12.43 22.14
C TYR B 70 -11.97 -12.03 23.48
N ARG B 71 -12.57 -11.06 24.17
CA ARG B 71 -12.05 -10.58 25.44
C ARG B 71 -12.16 -11.64 26.54
N PHE B 72 -12.97 -12.65 26.29
CA PHE B 72 -13.15 -13.75 27.24
C PHE B 72 -12.10 -14.84 27.06
N LYS B 73 -11.82 -15.54 28.17
CA LYS B 73 -10.80 -16.59 28.28
C LYS B 73 -10.72 -17.64 27.16
N LYS B 74 -11.81 -18.35 26.93
CA LYS B 74 -11.85 -19.46 25.98
C LYS B 74 -11.43 -19.00 24.60
N GLU B 75 -12.04 -17.92 24.11
CA GLU B 75 -11.72 -17.43 22.80
C GLU B 75 -10.34 -16.82 22.77
N PHE B 76 -9.98 -16.16 23.86
CA PHE B 76 -8.69 -15.50 23.93
C PHE B 76 -7.56 -16.53 23.81
N ASN B 77 -7.75 -17.70 24.45
CA ASN B 77 -6.71 -18.72 24.54
C ASN B 77 -6.72 -19.73 23.39
N ASP B 78 -7.58 -19.50 22.40
CA ASP B 78 -7.67 -20.35 21.22
C ASP B 78 -6.36 -20.40 20.47
N PRO B 79 -5.77 -21.61 20.30
CA PRO B 79 -4.53 -21.75 19.54
C PRO B 79 -4.59 -21.07 18.17
N SER B 80 -5.78 -20.99 17.57
CA SER B 80 -5.94 -20.30 16.28
C SER B 80 -5.72 -18.78 16.39
N ASN B 81 -5.84 -18.23 17.59
CA ASN B 81 -5.67 -16.80 17.79
C ASN B 81 -4.28 -16.47 18.33
N ALA B 82 -3.36 -17.42 18.27
CA ALA B 82 -2.03 -17.21 18.84
C ALA B 82 -1.31 -16.06 18.13
N GLY B 83 -0.80 -15.11 18.91
CA GLY B 83 -0.16 -13.94 18.35
C GLY B 83 -1.11 -12.75 18.26
N LEU B 84 -2.40 -13.00 18.38
CA LEU B 84 -3.38 -11.94 18.33
C LEU B 84 -3.43 -11.16 19.63
N GLN B 85 -2.83 -11.73 20.68
CA GLN B 85 -2.75 -11.02 21.93
C GLN B 85 -2.06 -9.66 21.75
N ASN B 86 -1.09 -9.60 20.84
CA ASN B 86 -0.41 -8.33 20.55
C ASN B 86 -1.35 -7.22 20.13
N GLY B 87 -2.27 -7.53 19.21
CA GLY B 87 -3.21 -6.54 18.75
C GLY B 87 -4.15 -6.13 19.85
N PHE B 88 -4.49 -7.09 20.71
CA PHE B 88 -5.34 -6.84 21.86
C PHE B 88 -4.72 -5.79 22.79
N LYS B 89 -3.45 -5.98 23.12
CA LYS B 89 -2.72 -5.07 23.99
C LYS B 89 -2.55 -3.70 23.37
N PHE B 90 -2.36 -3.69 22.05
CA PHE B 90 -2.26 -2.46 21.29
C PHE B 90 -3.55 -1.68 21.42
N LEU B 91 -4.67 -2.38 21.33
CA LEU B 91 -5.97 -1.73 21.35
C LEU B 91 -6.45 -1.38 22.75
N GLU B 92 -5.69 -1.80 23.75
CA GLU B 92 -6.14 -1.65 25.12
C GLU B 92 -6.25 -0.20 25.64
N PRO B 93 -5.21 0.64 25.36
CA PRO B 93 -5.35 2.05 25.74
C PRO B 93 -6.49 2.78 25.03
N ILE B 94 -6.85 2.34 23.84
CA ILE B 94 -7.90 3.02 23.09
C ILE B 94 -9.25 2.67 23.76
N HIS B 95 -9.27 1.59 24.50
CA HIS B 95 -10.48 1.18 25.16
C HIS B 95 -10.63 1.93 26.46
N LYS B 96 -9.52 2.29 27.07
CA LYS B 96 -9.53 3.01 28.34
C LYS B 96 -9.79 4.49 28.12
N GLU B 97 -9.35 4.95 26.96
CA GLU B 97 -9.55 6.31 26.48
C GLU B 97 -11.01 6.54 26.02
N PHE B 98 -11.64 5.51 25.46
CA PHE B 98 -12.98 5.60 24.90
C PHE B 98 -13.95 4.56 25.43
N PRO B 99 -14.14 4.54 26.71
CA PRO B 99 -14.87 3.46 27.34
C PRO B 99 -16.27 3.26 26.86
N TRP B 100 -16.73 4.01 25.88
CA TRP B 100 -18.14 3.96 25.53
C TRP B 100 -18.32 3.05 24.35
N ILE B 101 -17.23 2.79 23.67
CA ILE B 101 -17.21 1.94 22.47
C ILE B 101 -17.24 0.48 22.90
N SER B 102 -18.02 -0.31 22.17
CA SER B 102 -18.14 -1.73 22.45
C SER B 102 -16.91 -2.50 21.98
N SER B 103 -16.71 -3.65 22.63
CA SER B 103 -15.60 -4.55 22.33
C SER B 103 -15.61 -4.90 20.85
N GLY B 104 -16.79 -5.32 20.39
CA GLY B 104 -16.98 -5.64 18.98
C GLY B 104 -16.58 -4.52 18.04
N ASP B 105 -17.15 -3.33 18.29
CA ASP B 105 -16.95 -2.15 17.43
C ASP B 105 -15.48 -1.77 17.43
N LEU B 106 -14.84 -1.82 18.60
CA LEU B 106 -13.41 -1.48 18.64
C LEU B 106 -12.55 -2.46 17.83
N PHE B 107 -12.75 -3.76 18.04
CA PHE B 107 -12.02 -4.81 17.30
C PHE B 107 -12.17 -4.73 15.78
N SER B 108 -13.39 -4.64 15.33
CA SER B 108 -13.67 -4.56 13.92
C SER B 108 -13.16 -3.28 13.36
N LEU B 109 -13.39 -2.19 14.08
CA LEU B 109 -12.97 -0.87 13.64
C LEU B 109 -11.45 -0.78 13.56
N GLY B 110 -10.75 -1.69 14.23
CA GLY B 110 -9.30 -1.66 14.21
C GLY B 110 -8.72 -2.20 12.94
N GLY B 111 -9.42 -3.13 12.34
CA GLY B 111 -8.98 -3.74 11.10
C GLY B 111 -9.18 -2.84 9.91
N VAL B 112 -10.35 -2.20 9.89
CA VAL B 112 -10.71 -1.25 8.85
C VAL B 112 -9.71 -0.09 8.82
N THR B 113 -9.40 0.47 9.99
CA THR B 113 -8.42 1.55 10.09
C THR B 113 -7.10 1.06 9.48
N ALA B 114 -6.71 -0.15 9.86
CA ALA B 114 -5.44 -0.72 9.42
C ALA B 114 -5.35 -0.86 7.90
N VAL B 115 -6.45 -1.28 7.27
CA VAL B 115 -6.44 -1.49 5.84
C VAL B 115 -6.28 -0.15 5.11
N GLN B 116 -7.07 0.85 5.53
CA GLN B 116 -7.07 2.16 4.87
C GLN B 116 -5.74 2.87 5.08
N GLU B 117 -5.20 2.78 6.29
CA GLU B 117 -3.93 3.39 6.62
C GLU B 117 -2.77 2.71 5.91
N MET B 118 -2.98 1.49 5.41
CA MET B 118 -1.95 0.81 4.61
C MET B 118 -2.21 1.02 3.12
N GLN B 119 -2.99 2.06 2.84
CA GLN B 119 -3.22 2.61 1.49
C GLN B 119 -4.10 1.69 0.63
N GLY B 120 -4.96 0.93 1.30
CA GLY B 120 -5.93 0.06 0.66
C GLY B 120 -7.22 0.81 0.39
N PRO B 121 -8.28 0.11 0.07
CA PRO B 121 -9.53 0.75 -0.28
C PRO B 121 -10.21 1.32 0.92
N LYS B 122 -11.33 1.99 0.74
CA LYS B 122 -12.16 2.45 1.86
C LYS B 122 -13.16 1.37 2.24
N ILE B 123 -13.31 1.12 3.53
CA ILE B 123 -14.30 0.14 3.92
C ILE B 123 -15.37 0.84 4.74
N PRO B 124 -16.58 0.92 4.20
CA PRO B 124 -17.72 1.44 4.96
C PRO B 124 -17.85 0.64 6.26
N TRP B 125 -18.08 1.33 7.37
CA TRP B 125 -18.15 0.71 8.67
C TRP B 125 -19.40 1.16 9.39
N ARG B 126 -19.83 0.38 10.36
CA ARG B 126 -21.07 0.63 11.04
C ARG B 126 -20.86 0.28 12.48
N CYS B 127 -21.56 0.96 13.37
CA CYS B 127 -21.40 0.81 14.79
C CYS B 127 -22.60 0.09 15.28
N GLY B 128 -22.66 -0.23 16.56
CA GLY B 128 -23.85 -0.82 17.14
C GLY B 128 -23.69 -2.16 17.83
N ARG B 129 -22.46 -2.67 17.88
CA ARG B 129 -22.20 -3.99 18.46
C ARG B 129 -22.30 -3.98 19.98
N VAL B 130 -22.86 -5.03 20.58
CA VAL B 130 -23.09 -5.05 22.02
C VAL B 130 -22.39 -6.22 22.71
N ASP B 131 -21.65 -5.95 23.78
CA ASP B 131 -21.04 -7.02 24.57
C ASP B 131 -22.08 -8.02 25.07
N THR B 132 -21.80 -9.30 24.89
CA THR B 132 -22.68 -10.37 25.34
C THR B 132 -21.96 -11.14 26.46
N PRO B 133 -22.70 -11.93 27.25
CA PRO B 133 -22.02 -12.54 28.40
C PRO B 133 -21.00 -13.61 27.99
N GLU B 134 -20.16 -13.99 28.94
CA GLU B 134 -19.10 -14.92 28.72
C GLU B 134 -19.54 -16.20 28.01
N ASP B 135 -20.75 -16.65 28.28
CA ASP B 135 -21.22 -17.91 27.78
C ASP B 135 -21.70 -17.92 26.34
N THR B 136 -21.65 -16.78 25.69
CA THR B 136 -22.01 -16.70 24.30
C THR B 136 -20.77 -16.72 23.44
N THR B 137 -19.66 -17.06 24.06
CA THR B 137 -18.38 -17.16 23.42
C THR B 137 -18.38 -18.48 22.71
N PRO B 138 -17.94 -18.49 21.47
CA PRO B 138 -17.92 -19.75 20.74
C PRO B 138 -16.75 -20.61 21.12
N ASP B 139 -16.94 -21.91 21.10
CA ASP B 139 -15.86 -22.86 21.39
C ASP B 139 -14.76 -22.70 20.35
N ASN B 140 -13.61 -23.28 20.62
CA ASN B 140 -12.51 -23.27 19.70
C ASN B 140 -12.71 -24.19 18.53
N GLY B 141 -12.15 -23.86 17.38
CA GLY B 141 -12.27 -24.77 16.26
C GLY B 141 -13.13 -24.31 15.10
N ARG B 142 -13.59 -23.06 15.14
CA ARG B 142 -14.40 -22.49 14.08
C ARG B 142 -13.57 -21.73 13.06
N LEU B 143 -12.33 -21.41 13.39
CA LEU B 143 -11.47 -20.75 12.41
C LEU B 143 -10.75 -21.86 11.64
N PRO B 144 -10.31 -21.59 10.39
CA PRO B 144 -9.88 -22.64 9.45
C PRO B 144 -8.45 -23.15 9.55
N ASP B 145 -8.24 -24.37 9.10
CA ASP B 145 -6.95 -25.00 9.12
C ASP B 145 -6.24 -24.62 7.86
N ALA B 146 -4.94 -24.59 7.90
CA ALA B 146 -4.16 -24.09 6.80
C ALA B 146 -3.57 -25.20 5.98
N ASP B 147 -3.67 -26.42 6.45
CA ASP B 147 -3.08 -27.53 5.74
C ASP B 147 -4.05 -28.31 4.86
N LYS B 148 -4.92 -27.62 4.16
CA LYS B 148 -5.91 -28.31 3.39
C LYS B 148 -5.96 -27.95 1.94
N ASP B 149 -6.97 -28.44 1.26
CA ASP B 149 -7.10 -28.24 -0.17
C ASP B 149 -8.23 -27.24 -0.48
N ALA B 150 -8.44 -27.01 -1.76
CA ALA B 150 -9.37 -26.00 -2.24
C ALA B 150 -10.82 -26.24 -1.86
N ASP B 151 -11.27 -27.49 -1.80
CA ASP B 151 -12.68 -27.68 -1.52
C ASP B 151 -12.96 -27.71 -0.05
N TYR B 152 -11.94 -27.98 0.76
CA TYR B 152 -12.02 -27.66 2.18
C TYR B 152 -12.28 -26.15 2.39
N VAL B 153 -11.49 -25.32 1.71
CA VAL B 153 -11.63 -23.86 1.77
C VAL B 153 -13.04 -23.41 1.39
N ARG B 154 -13.56 -23.98 0.32
CA ARG B 154 -14.87 -23.69 -0.20
C ARG B 154 -16.00 -24.06 0.73
N THR B 155 -15.93 -25.24 1.31
CA THR B 155 -16.95 -25.68 2.23
C THR B 155 -16.84 -24.88 3.47
N PHE B 156 -15.62 -24.53 3.84
CA PHE B 156 -15.43 -23.78 5.04
C PHE B 156 -16.11 -22.48 4.86
N PHE B 157 -15.82 -21.80 3.78
CA PHE B 157 -16.30 -20.44 3.71
C PHE B 157 -17.80 -20.38 3.49
N GLN B 158 -18.43 -21.50 3.14
CA GLN B 158 -19.88 -21.49 3.00
C GLN B 158 -20.61 -21.25 4.31
N ARG B 159 -19.98 -21.61 5.42
CA ARG B 159 -20.62 -21.41 6.70
C ARG B 159 -20.70 -19.91 6.98
N LEU B 160 -19.76 -19.16 6.39
CA LEU B 160 -19.71 -17.72 6.57
C LEU B 160 -20.47 -16.99 5.50
N ASN B 161 -21.14 -17.76 4.65
CA ASN B 161 -21.93 -17.28 3.55
C ASN B 161 -21.14 -16.53 2.52
N MET B 162 -20.00 -17.07 2.16
CA MET B 162 -19.16 -16.43 1.19
C MET B 162 -19.01 -17.31 -0.02
N ASN B 163 -18.90 -16.70 -1.18
CA ASN B 163 -18.79 -17.41 -2.43
C ASN B 163 -17.40 -17.33 -3.00
N ASP B 164 -17.17 -17.95 -4.12
CA ASP B 164 -15.84 -18.03 -4.63
C ASP B 164 -15.14 -16.71 -4.77
N ARG B 165 -15.87 -15.74 -5.24
CA ARG B 165 -15.30 -14.45 -5.53
C ARG B 165 -15.03 -13.76 -4.23
N GLU B 166 -15.87 -14.01 -3.26
CA GLU B 166 -15.69 -13.39 -1.96
C GLU B 166 -14.51 -13.95 -1.16
N VAL B 167 -14.28 -15.25 -1.19
CA VAL B 167 -13.11 -15.81 -0.50
C VAL B 167 -11.81 -15.52 -1.25
N VAL B 168 -11.83 -15.48 -2.58
CA VAL B 168 -10.59 -15.18 -3.28
C VAL B 168 -10.14 -13.75 -2.97
N ALA B 169 -11.12 -12.83 -2.85
CA ALA B 169 -10.81 -11.44 -2.45
C ALA B 169 -10.31 -11.32 -1.01
N LEU B 170 -11.02 -11.96 -0.07
CA LEU B 170 -10.66 -11.90 1.34
C LEU B 170 -9.26 -12.42 1.52
N MET B 171 -8.89 -13.42 0.72
CA MET B 171 -7.57 -14.03 0.85
C MET B 171 -6.44 -13.12 0.41
N GLY B 172 -6.76 -12.09 -0.38
CA GLY B 172 -5.77 -11.12 -0.82
C GLY B 172 -5.12 -10.35 0.31
N ALA B 173 -5.73 -10.39 1.49
CA ALA B 173 -5.21 -9.77 2.70
C ALA B 173 -3.89 -10.40 3.14
N HIS B 174 -3.53 -11.53 2.52
CA HIS B 174 -2.27 -12.18 2.83
C HIS B 174 -1.08 -11.50 2.13
N ALA B 175 -1.33 -10.38 1.45
CA ALA B 175 -0.24 -9.52 0.98
C ALA B 175 0.44 -8.79 2.17
N LEU B 176 -0.33 -8.68 3.27
CA LEU B 176 0.08 -8.03 4.51
C LEU B 176 0.76 -9.00 5.49
N GLY B 177 1.81 -8.57 6.18
CA GLY B 177 2.36 -9.33 7.29
C GLY B 177 3.17 -10.58 7.00
N LYS B 178 3.15 -11.53 7.94
CA LYS B 178 3.91 -12.77 7.80
C LYS B 178 3.41 -13.89 8.70
N THR B 179 3.94 -15.09 8.46
CA THR B 179 3.64 -16.19 9.35
C THR B 179 4.77 -16.25 10.35
N HIS B 180 4.43 -16.61 11.59
CA HIS B 180 5.41 -16.76 12.64
C HIS B 180 5.35 -18.18 13.17
N LEU B 181 6.47 -18.88 13.01
CA LEU B 181 6.58 -20.29 13.40
C LEU B 181 5.95 -20.61 14.76
N LYS B 182 6.17 -19.74 15.73
CA LYS B 182 5.74 -20.01 17.11
C LYS B 182 4.24 -19.79 17.28
N ASN B 183 3.63 -19.03 16.36
CA ASN B 183 2.17 -18.80 16.39
C ASN B 183 1.35 -19.88 15.72
N SER B 184 1.74 -20.26 14.50
CA SER B 184 0.91 -21.14 13.65
C SER B 184 1.63 -22.39 13.13
N GLY B 185 2.96 -22.43 13.25
CA GLY B 185 3.71 -23.54 12.67
C GLY B 185 4.09 -23.28 11.24
N TYR B 186 4.19 -22.01 10.88
CA TYR B 186 4.58 -21.59 9.53
C TYR B 186 5.48 -20.39 9.64
N GLU B 187 6.47 -20.32 8.76
CA GLU B 187 7.47 -19.23 8.72
C GLU B 187 7.65 -18.54 7.39
N GLY B 188 7.73 -17.22 7.43
CA GLY B 188 7.96 -16.43 6.25
C GLY B 188 6.81 -15.50 5.92
N PRO B 189 7.09 -14.56 5.05
CA PRO B 189 6.08 -13.66 4.54
C PRO B 189 5.53 -14.14 3.21
N TRP B 190 4.33 -13.72 2.90
CA TRP B 190 3.75 -14.05 1.63
C TRP B 190 4.38 -13.23 0.52
N GLY B 191 4.75 -12.01 0.82
CA GLY B 191 5.38 -11.17 -0.17
C GLY B 191 6.20 -10.11 0.51
N ALA B 192 6.91 -9.29 -0.26
CA ALA B 192 7.82 -8.32 0.33
C ALA B 192 7.41 -6.88 0.35
N ALA B 193 6.15 -6.58 0.10
CA ALA B 193 5.63 -5.28 0.44
C ALA B 193 4.61 -5.58 1.47
N ASN B 194 5.10 -5.76 2.69
CA ASN B 194 4.33 -6.38 3.74
C ASN B 194 3.45 -5.51 4.58
N ASN B 195 3.63 -4.20 4.55
CA ASN B 195 2.73 -3.32 5.31
C ASN B 195 2.01 -2.30 4.47
N VAL B 196 1.98 -2.56 3.19
CA VAL B 196 1.21 -1.76 2.28
C VAL B 196 0.32 -2.66 1.44
N PHE B 197 -0.95 -2.28 1.36
CA PHE B 197 -1.99 -3.09 0.76
C PHE B 197 -1.96 -3.01 -0.77
N THR B 198 -1.65 -4.15 -1.40
CA THR B 198 -1.60 -4.23 -2.86
C THR B 198 -2.26 -5.54 -3.31
N ASN B 199 -2.22 -5.79 -4.61
CA ASN B 199 -2.69 -7.06 -5.15
C ASN B 199 -1.50 -8.01 -5.37
N GLU B 200 -0.41 -7.78 -4.63
CA GLU B 200 0.80 -8.58 -4.78
C GLU B 200 0.61 -10.08 -4.52
N PHE B 201 -0.38 -10.43 -3.69
CA PHE B 201 -0.65 -11.82 -3.37
C PHE B 201 -0.96 -12.58 -4.65
N TYR B 202 -1.88 -12.02 -5.43
CA TYR B 202 -2.30 -12.70 -6.65
C TYR B 202 -1.18 -12.78 -7.68
N LEU B 203 -0.40 -11.70 -7.73
CA LEU B 203 0.78 -11.62 -8.58
C LEU B 203 1.86 -12.69 -8.23
N ASN B 204 2.31 -12.71 -6.99
CA ASN B 204 3.30 -13.70 -6.57
C ASN B 204 2.82 -15.11 -6.80
N LEU B 205 1.51 -15.32 -6.61
CA LEU B 205 0.88 -16.60 -6.75
C LEU B 205 0.99 -17.16 -8.19
N LEU B 206 0.90 -16.27 -9.18
CA LEU B 206 0.92 -16.69 -10.59
C LEU B 206 2.30 -16.52 -11.22
N ASN B 207 3.26 -15.94 -10.49
CA ASN B 207 4.52 -15.58 -11.12
C ASN B 207 5.77 -16.19 -10.49
N GLU B 208 5.68 -16.58 -9.23
CA GLU B 208 6.88 -17.09 -8.59
C GLU B 208 7.04 -18.55 -8.94
N ASP B 209 8.24 -19.04 -8.70
CA ASP B 209 8.50 -20.45 -8.91
C ASP B 209 8.39 -21.11 -7.54
N TRP B 210 7.33 -21.91 -7.36
CA TRP B 210 7.03 -22.49 -6.05
C TRP B 210 7.54 -23.92 -5.90
N LYS B 211 7.97 -24.24 -4.70
CA LYS B 211 8.55 -25.49 -4.35
C LYS B 211 7.99 -25.87 -3.01
N LEU B 212 7.59 -27.10 -2.81
CA LEU B 212 7.05 -27.50 -1.53
C LEU B 212 8.08 -28.06 -0.58
N GLU B 213 8.22 -27.47 0.59
CA GLU B 213 9.14 -27.98 1.59
C GLU B 213 8.56 -28.02 3.00
N LYS B 214 9.31 -28.62 3.90
CA LYS B 214 8.94 -28.73 5.30
C LYS B 214 9.66 -27.68 6.07
N ASN B 215 8.98 -26.98 6.94
CA ASN B 215 9.60 -25.94 7.70
C ASN B 215 10.27 -26.46 8.91
N ASP B 216 10.64 -25.59 9.82
CA ASP B 216 11.32 -26.03 11.03
C ASP B 216 10.38 -26.69 12.02
N ALA B 217 9.09 -26.43 11.87
CA ALA B 217 8.06 -27.05 12.69
C ALA B 217 7.53 -28.34 12.03
N ASN B 218 8.14 -28.69 10.94
CA ASN B 218 7.84 -29.88 10.19
C ASN B 218 6.52 -29.92 9.48
N ASN B 219 6.06 -28.77 9.05
CA ASN B 219 4.88 -28.71 8.25
C ASN B 219 5.33 -28.33 6.88
N GLU B 220 4.50 -28.57 5.89
CA GLU B 220 4.84 -28.26 4.55
C GLU B 220 4.28 -26.91 4.20
N GLN B 221 5.07 -26.12 3.51
CA GLN B 221 4.60 -24.91 2.96
C GLN B 221 5.31 -24.71 1.64
N TRP B 222 4.75 -23.85 0.80
CA TRP B 222 5.33 -23.53 -0.49
C TRP B 222 6.31 -22.35 -0.40
N ASP B 223 7.53 -22.55 -0.89
CA ASP B 223 8.58 -21.53 -0.83
C ASP B 223 9.11 -21.07 -2.17
N SER B 224 9.33 -19.78 -2.32
CA SER B 224 9.90 -19.27 -3.54
C SER B 224 11.32 -18.83 -3.31
N LYS B 225 12.08 -18.68 -4.38
CA LYS B 225 13.45 -18.31 -4.29
C LYS B 225 13.55 -16.88 -3.93
N SER B 226 12.52 -16.11 -4.26
CA SER B 226 12.51 -14.72 -3.94
C SER B 226 12.38 -14.53 -2.46
N GLY B 227 12.00 -15.57 -1.76
CA GLY B 227 11.94 -15.54 -0.31
C GLY B 227 10.56 -15.51 0.27
N TYR B 228 9.60 -15.83 -0.56
CA TYR B 228 8.20 -15.76 -0.17
C TYR B 228 7.68 -17.14 0.19
N MET B 229 6.48 -17.19 0.74
CA MET B 229 5.85 -18.46 1.02
C MET B 229 4.34 -18.42 0.79
N MET B 230 3.74 -19.60 0.72
CA MET B 230 2.29 -19.71 0.62
C MET B 230 1.82 -20.85 1.52
N LEU B 231 0.71 -20.65 2.19
CA LEU B 231 0.11 -21.78 2.90
C LEU B 231 -0.45 -22.75 1.85
N PRO B 232 -0.54 -24.03 2.19
CA PRO B 232 -1.23 -24.97 1.28
C PRO B 232 -2.60 -24.44 0.83
N THR B 233 -3.35 -23.85 1.74
CA THR B 233 -4.64 -23.28 1.43
C THR B 233 -4.57 -22.08 0.48
N ASP B 234 -3.51 -21.28 0.56
CA ASP B 234 -3.32 -20.19 -0.41
C ASP B 234 -3.11 -20.75 -1.81
N TYR B 235 -2.13 -21.65 -1.93
CA TYR B 235 -1.69 -22.19 -3.21
C TYR B 235 -2.77 -23.05 -3.87
N SER B 236 -3.74 -23.49 -3.06
CA SER B 236 -4.85 -24.29 -3.57
C SER B 236 -5.75 -23.45 -4.48
N LEU B 237 -5.57 -22.14 -4.46
CA LEU B 237 -6.38 -21.21 -5.24
C LEU B 237 -6.02 -21.19 -6.74
N ILE B 238 -4.96 -21.89 -7.11
CA ILE B 238 -4.66 -22.05 -8.52
C ILE B 238 -4.77 -23.54 -8.91
N GLN B 239 -5.15 -24.36 -7.93
CA GLN B 239 -5.41 -25.79 -8.08
C GLN B 239 -6.88 -26.08 -8.44
N ASP B 240 -7.75 -25.11 -8.21
CA ASP B 240 -9.19 -25.21 -8.48
C ASP B 240 -9.51 -24.29 -9.67
N PRO B 241 -10.21 -24.82 -10.71
CA PRO B 241 -10.46 -24.06 -11.95
C PRO B 241 -11.21 -22.77 -11.72
N LYS B 242 -12.23 -22.78 -10.87
CA LYS B 242 -12.99 -21.56 -10.60
C LYS B 242 -12.17 -20.53 -9.81
N TYR B 243 -11.40 -20.99 -8.82
CA TYR B 243 -10.55 -20.06 -8.07
C TYR B 243 -9.47 -19.42 -8.96
N LEU B 244 -8.89 -20.22 -9.86
CA LEU B 244 -7.80 -19.77 -10.71
C LEU B 244 -8.18 -18.52 -11.53
N SER B 245 -9.37 -18.53 -12.15
CA SER B 245 -9.74 -17.45 -13.03
C SER B 245 -9.98 -16.14 -12.31
N ILE B 246 -10.39 -16.20 -11.04
CA ILE B 246 -10.58 -15.01 -10.23
C ILE B 246 -9.24 -14.54 -9.72
N VAL B 247 -8.33 -15.49 -9.53
CA VAL B 247 -6.97 -15.13 -9.19
C VAL B 247 -6.36 -14.35 -10.34
N LYS B 248 -6.50 -14.84 -11.55
CA LYS B 248 -5.98 -14.17 -12.69
C LYS B 248 -6.58 -12.80 -12.88
N GLU B 249 -7.86 -12.70 -12.58
CA GLU B 249 -8.64 -11.48 -12.69
C GLU B 249 -8.12 -10.34 -11.77
N TYR B 250 -7.83 -10.66 -10.50
CA TYR B 250 -7.36 -9.64 -9.56
C TYR B 250 -5.89 -9.25 -9.75
N ALA B 251 -5.09 -10.13 -10.31
CA ALA B 251 -3.68 -9.81 -10.56
C ALA B 251 -3.55 -8.89 -11.76
N ASN B 252 -4.56 -8.91 -12.64
CA ASN B 252 -4.59 -8.00 -13.79
C ASN B 252 -5.16 -6.62 -13.44
N ASP B 253 -5.99 -6.58 -12.40
CA ASP B 253 -6.77 -5.38 -12.08
C ASP B 253 -6.88 -5.10 -10.56
N GLN B 254 -5.89 -4.42 -10.00
CA GLN B 254 -5.90 -4.06 -8.59
C GLN B 254 -7.06 -3.20 -8.17
N ASP B 255 -7.73 -2.54 -9.10
CA ASP B 255 -8.89 -1.73 -8.76
C ASP B 255 -10.11 -2.60 -8.49
N LYS B 256 -10.24 -3.66 -9.28
CA LYS B 256 -11.33 -4.61 -9.14
C LYS B 256 -11.14 -5.37 -7.82
N PHE B 257 -9.88 -5.68 -7.52
CA PHE B 257 -9.56 -6.27 -6.21
C PHE B 257 -10.00 -5.40 -5.03
N PHE B 258 -9.65 -4.12 -5.03
CA PHE B 258 -10.00 -3.23 -3.90
C PHE B 258 -11.50 -3.20 -3.66
N LYS B 259 -12.28 -3.11 -4.73
CA LYS B 259 -13.73 -2.96 -4.63
C LYS B 259 -14.36 -4.18 -4.04
N ASP B 260 -13.94 -5.35 -4.51
CA ASP B 260 -14.49 -6.61 -4.04
C ASP B 260 -14.14 -6.91 -2.60
N PHE B 261 -12.86 -6.67 -2.29
CA PHE B 261 -12.35 -6.85 -0.93
C PHE B 261 -13.01 -5.87 0.01
N SER B 262 -13.28 -4.66 -0.47
CA SER B 262 -13.98 -3.71 0.38
C SER B 262 -15.36 -4.23 0.69
N LYS B 263 -16.07 -4.63 -0.36
CA LYS B 263 -17.42 -5.16 -0.20
C LYS B 263 -17.41 -6.40 0.70
N ALA B 264 -16.39 -7.24 0.54
CA ALA B 264 -16.29 -8.49 1.27
C ALA B 264 -15.75 -8.36 2.70
N PHE B 265 -14.86 -7.39 2.93
CA PHE B 265 -14.34 -7.19 4.28
C PHE B 265 -15.45 -6.60 5.15
N GLU B 266 -16.32 -5.77 4.55
CA GLU B 266 -17.48 -5.23 5.27
C GLU B 266 -18.48 -6.31 5.66
N LYS B 267 -18.87 -7.12 4.67
CA LYS B 267 -19.78 -8.23 4.87
C LYS B 267 -19.30 -9.20 5.98
N LEU B 268 -18.00 -9.49 5.96
CA LEU B 268 -17.37 -10.32 6.97
C LEU B 268 -17.62 -9.73 8.36
N LEU B 269 -17.37 -8.44 8.51
CA LEU B 269 -17.47 -7.78 9.81
C LEU B 269 -18.91 -7.54 10.26
N GLU B 270 -19.86 -7.61 9.33
CA GLU B 270 -21.27 -7.32 9.65
C GLU B 270 -22.13 -8.58 9.75
N ASN B 271 -21.56 -9.72 9.33
CA ASN B 271 -22.23 -11.01 9.42
C ASN B 271 -22.82 -11.24 10.81
N GLY B 272 -24.08 -11.64 10.85
CA GLY B 272 -24.74 -11.93 12.11
C GLY B 272 -25.49 -10.75 12.72
N ILE B 273 -25.20 -9.54 12.26
CA ILE B 273 -25.84 -8.35 12.83
C ILE B 273 -27.05 -7.88 12.04
N THR B 274 -28.16 -7.67 12.76
CA THR B 274 -29.36 -7.06 12.21
C THR B 274 -29.39 -5.55 12.46
N PHE B 275 -29.42 -4.76 11.39
CA PHE B 275 -29.51 -3.32 11.49
C PHE B 275 -30.91 -2.83 11.18
N PRO B 276 -31.57 -2.15 12.11
CA PRO B 276 -32.90 -1.62 11.81
C PRO B 276 -32.86 -0.26 11.15
N LYS B 277 -33.97 0.15 10.55
CA LYS B 277 -34.01 1.35 9.72
C LYS B 277 -33.51 2.61 10.44
N ASP B 278 -33.73 2.66 11.74
CA ASP B 278 -33.40 3.81 12.57
C ASP B 278 -31.89 3.98 12.78
N ALA B 279 -31.12 3.04 12.24
CA ALA B 279 -29.66 3.09 12.39
C ALA B 279 -29.03 3.92 11.28
N PRO B 280 -27.98 4.66 11.62
CA PRO B 280 -27.28 5.50 10.65
C PRO B 280 -26.75 4.78 9.43
N SER B 281 -26.48 5.52 8.36
CA SER B 281 -25.83 5.01 7.17
C SER B 281 -24.36 4.65 7.48
N PRO B 282 -23.81 3.68 6.75
CA PRO B 282 -22.40 3.31 6.92
C PRO B 282 -21.44 4.52 6.89
N PHE B 283 -20.50 4.53 7.83
CA PHE B 283 -19.53 5.62 7.95
C PHE B 283 -18.31 5.33 7.07
N ILE B 284 -17.87 6.30 6.30
CA ILE B 284 -16.61 6.14 5.62
C ILE B 284 -15.58 7.07 6.24
N PHE B 285 -14.67 6.53 7.03
CA PHE B 285 -13.74 7.37 7.77
C PHE B 285 -12.67 7.92 6.86
N LYS B 286 -12.16 9.09 7.22
CA LYS B 286 -11.16 9.73 6.41
C LYS B 286 -9.83 9.23 6.91
N THR B 287 -8.90 9.10 5.99
CA THR B 287 -7.57 8.65 6.33
C THR B 287 -6.83 9.74 7.10
N LEU B 288 -5.66 9.42 7.59
CA LEU B 288 -4.90 10.39 8.36
C LEU B 288 -4.39 11.47 7.44
N GLU B 289 -4.13 11.13 6.19
CA GLU B 289 -3.60 12.10 5.23
C GLU B 289 -4.69 13.07 4.74
N GLU B 290 -5.92 12.57 4.62
CA GLU B 290 -7.07 13.39 4.23
C GLU B 290 -7.49 14.46 5.26
N GLN B 291 -6.85 14.43 6.42
CA GLN B 291 -7.13 15.38 7.50
C GLN B 291 -5.92 16.28 7.83
N GLY B 292 -4.84 16.15 7.09
CA GLY B 292 -3.73 17.03 7.35
C GLY B 292 -2.65 16.54 8.28
N LEU B 293 -2.60 15.24 8.42
CA LEU B 293 -1.51 14.61 9.15
C LEU B 293 -0.72 13.66 8.23
N THR C 1 -23.16 -11.19 34.52
CA THR C 1 -24.06 -12.19 35.13
C THR C 1 -23.90 -13.57 34.48
N PRO C 2 -23.73 -14.62 35.30
CA PRO C 2 -23.71 -16.04 34.92
C PRO C 2 -25.05 -16.64 34.43
N LEU C 3 -24.98 -17.53 33.42
CA LEU C 3 -26.16 -18.24 32.92
C LEU C 3 -26.70 -19.15 34.01
N VAL C 4 -28.01 -19.07 34.30
CA VAL C 4 -28.62 -19.95 35.33
C VAL C 4 -29.76 -20.75 34.75
N HIS C 5 -29.75 -22.07 34.96
CA HIS C 5 -30.83 -22.95 34.51
C HIS C 5 -31.64 -23.42 35.72
N VAL C 6 -32.86 -22.92 35.86
CA VAL C 6 -33.72 -23.27 36.98
C VAL C 6 -34.66 -24.42 36.63
N ALA C 7 -34.77 -25.39 37.54
CA ALA C 7 -35.65 -26.53 37.33
C ALA C 7 -37.13 -26.12 37.44
N SER C 8 -37.84 -26.17 36.31
CA SER C 8 -39.26 -25.90 36.28
C SER C 8 -40.03 -27.18 36.01
N VAL C 9 -40.84 -27.61 36.97
CA VAL C 9 -41.67 -28.79 36.77
C VAL C 9 -42.68 -28.60 35.64
N GLU C 10 -42.83 -29.66 34.84
CA GLU C 10 -43.80 -29.68 33.76
C GLU C 10 -45.18 -29.51 34.37
N LYS C 11 -45.95 -28.61 33.78
CA LYS C 11 -47.28 -28.27 34.27
C LYS C 11 -48.05 -29.44 34.85
N GLY C 12 -48.31 -29.39 36.15
CA GLY C 12 -49.15 -30.36 36.83
C GLY C 12 -48.74 -31.82 36.72
N ARG C 13 -47.44 -32.09 36.73
CA ARG C 13 -46.98 -33.47 36.78
C ARG C 13 -46.41 -33.84 38.11
N SER C 14 -46.20 -35.12 38.32
CA SER C 14 -45.75 -35.58 39.62
C SER C 14 -45.11 -36.95 39.57
N TYR C 15 -44.77 -37.50 40.72
CA TYR C 15 -44.13 -38.80 40.76
C TYR C 15 -44.67 -39.83 39.79
N GLU C 16 -45.93 -40.19 39.95
CA GLU C 16 -46.52 -41.25 39.11
C GLU C 16 -46.62 -40.87 37.63
N ASP C 17 -46.57 -39.59 37.32
CA ASP C 17 -46.50 -39.18 35.94
C ASP C 17 -45.21 -39.72 35.35
N PHE C 18 -44.12 -39.46 36.07
CA PHE C 18 -42.79 -39.82 35.62
C PHE C 18 -42.57 -41.33 35.70
N GLN C 19 -43.19 -41.97 36.67
CA GLN C 19 -43.14 -43.42 36.72
C GLN C 19 -43.77 -44.09 35.51
N LYS C 20 -44.77 -43.47 34.93
CA LYS C 20 -45.38 -44.00 33.72
C LYS C 20 -44.39 -43.98 32.55
N VAL C 21 -43.57 -42.93 32.50
CA VAL C 21 -42.53 -42.84 31.47
C VAL C 21 -41.45 -43.90 31.70
N TYR C 22 -41.06 -44.08 32.95
CA TYR C 22 -40.15 -45.16 33.30
C TYR C 22 -40.64 -46.52 32.77
N ASN C 23 -41.86 -46.90 33.10
CA ASN C 23 -42.39 -48.18 32.65
C ASN C 23 -42.53 -48.29 31.16
N ALA C 24 -42.91 -47.24 30.49
CA ALA C 24 -42.97 -47.28 29.04
C ALA C 24 -41.58 -47.58 28.47
N ILE C 25 -40.55 -47.00 29.09
CA ILE C 25 -39.17 -47.26 28.68
C ILE C 25 -38.76 -48.68 29.04
N ALA C 26 -39.00 -49.07 30.29
CA ALA C 26 -38.64 -50.40 30.74
C ALA C 26 -39.36 -51.48 29.95
N LEU C 27 -40.59 -51.20 29.53
CA LEU C 27 -41.34 -52.16 28.74
C LEU C 27 -40.80 -52.27 27.30
N LYS C 28 -40.53 -51.14 26.65
CA LYS C 28 -40.00 -51.20 25.30
C LYS C 28 -38.62 -51.89 25.32
N LEU C 29 -37.96 -51.78 26.45
CA LEU C 29 -36.66 -52.35 26.69
C LEU C 29 -36.72 -53.87 26.69
N ARG C 30 -37.79 -54.40 27.27
CA ARG C 30 -38.02 -55.84 27.37
C ARG C 30 -38.58 -56.41 26.06
N GLU C 31 -39.36 -55.58 25.37
CA GLU C 31 -40.00 -56.03 24.15
C GLU C 31 -39.05 -56.12 22.97
N ASP C 32 -38.13 -55.15 22.86
CA ASP C 32 -37.27 -55.05 21.69
C ASP C 32 -35.91 -55.69 21.95
N ASP C 33 -35.89 -56.94 22.41
CA ASP C 33 -34.65 -57.50 22.90
C ASP C 33 -33.71 -58.09 21.85
N GLU C 34 -34.06 -57.96 20.59
CA GLU C 34 -33.23 -58.57 19.56
C GLU C 34 -32.07 -57.65 19.16
N TYR C 35 -32.11 -56.42 19.65
CA TYR C 35 -31.19 -55.37 19.23
C TYR C 35 -29.72 -55.65 19.57
N ASP C 36 -28.87 -55.43 18.57
CA ASP C 36 -27.41 -55.53 18.68
C ASP C 36 -27.01 -56.92 19.23
N ASN C 37 -27.38 -57.95 18.47
CA ASN C 37 -27.14 -59.35 18.79
C ASN C 37 -27.57 -59.73 20.21
N TYR C 38 -28.81 -59.36 20.51
CA TYR C 38 -29.50 -59.71 21.76
C TYR C 38 -28.89 -59.11 23.04
N ILE C 39 -28.15 -58.01 22.88
CA ILE C 39 -27.72 -57.26 24.06
C ILE C 39 -28.87 -56.42 24.62
N GLY C 40 -29.69 -55.89 23.72
CA GLY C 40 -30.79 -55.03 24.14
C GLY C 40 -30.45 -53.56 24.07
N TYR C 41 -31.44 -52.72 24.34
CA TYR C 41 -31.26 -51.28 24.20
C TYR C 41 -30.73 -50.62 25.50
N GLY C 42 -30.58 -51.40 26.57
CA GLY C 42 -30.11 -50.86 27.85
C GLY C 42 -28.82 -50.02 27.83
N PRO C 43 -27.68 -50.62 27.42
CA PRO C 43 -26.41 -49.90 27.37
C PRO C 43 -26.42 -48.61 26.53
N VAL C 44 -26.95 -48.67 25.32
CA VAL C 44 -26.94 -47.49 24.45
C VAL C 44 -27.74 -46.35 25.08
N LEU C 45 -28.61 -46.68 25.99
CA LEU C 45 -29.43 -45.67 26.60
C LEU C 45 -28.70 -44.95 27.69
N VAL C 46 -27.72 -45.59 28.29
CA VAL C 46 -26.93 -44.96 29.33
C VAL C 46 -25.78 -44.18 28.74
N ARG C 47 -25.32 -44.55 27.57
CA ARG C 47 -24.36 -43.77 26.86
C ARG C 47 -24.98 -42.48 26.50
N LEU C 48 -26.19 -42.56 26.00
CA LEU C 48 -26.95 -41.39 25.54
C LEU C 48 -27.13 -40.39 26.69
N ALA C 49 -27.50 -40.90 27.86
CA ALA C 49 -27.63 -40.04 29.01
C ALA C 49 -26.29 -39.34 29.38
N TRP C 50 -25.19 -40.09 29.33
CA TRP C 50 -23.85 -39.57 29.63
C TRP C 50 -23.43 -38.51 28.60
N HIS C 51 -23.70 -38.78 27.34
CA HIS C 51 -23.33 -37.87 26.27
C HIS C 51 -24.13 -36.57 26.21
N THR C 52 -25.40 -36.57 26.66
CA THR C 52 -26.12 -35.29 26.70
C THR C 52 -25.72 -34.49 27.95
N SER C 53 -25.29 -35.18 29.00
CA SER C 53 -24.84 -34.55 30.24
C SER C 53 -23.35 -34.16 30.22
N GLY C 54 -22.56 -34.94 29.50
CA GLY C 54 -21.12 -34.77 29.52
C GLY C 54 -20.62 -33.62 28.69
N THR C 55 -21.53 -32.86 28.09
CA THR C 55 -21.14 -31.71 27.27
C THR C 55 -20.93 -30.49 28.14
N TRP C 56 -21.07 -30.64 29.45
CA TRP C 56 -21.08 -29.49 30.36
C TRP C 56 -19.74 -28.82 30.60
N ASP C 57 -19.76 -27.48 30.69
CA ASP C 57 -18.57 -26.72 31.04
C ASP C 57 -18.87 -25.90 32.29
N LYS C 58 -18.19 -26.27 33.39
CA LYS C 58 -18.41 -25.64 34.69
C LYS C 58 -17.94 -24.17 34.75
N HIS C 59 -17.10 -23.76 33.81
CA HIS C 59 -16.63 -22.39 33.86
C HIS C 59 -17.76 -21.40 33.58
N ASP C 60 -18.64 -21.74 32.64
CA ASP C 60 -19.66 -20.81 32.18
C ASP C 60 -21.06 -21.42 32.15
N ASN C 61 -21.15 -22.66 32.60
CA ASN C 61 -22.41 -23.41 32.65
C ASN C 61 -23.08 -23.67 31.29
N THR C 62 -22.33 -23.69 30.20
CA THR C 62 -22.90 -24.09 28.93
C THR C 62 -23.01 -25.61 28.83
N GLY C 63 -23.88 -26.10 27.95
CA GLY C 63 -24.06 -27.52 27.77
C GLY C 63 -24.70 -28.16 28.99
N GLY C 64 -24.63 -29.48 29.05
CA GLY C 64 -25.25 -30.23 30.15
C GLY C 64 -26.60 -30.72 29.70
N SER C 65 -27.23 -31.57 30.51
CA SER C 65 -28.46 -32.23 30.09
C SER C 65 -29.69 -31.31 29.98
N TYR C 66 -29.63 -30.18 30.66
CA TYR C 66 -30.77 -29.27 30.84
C TYR C 66 -31.54 -28.90 29.58
N GLY C 67 -30.85 -28.33 28.61
CA GLY C 67 -31.51 -27.79 27.43
C GLY C 67 -32.03 -28.81 26.44
N GLY C 68 -31.64 -30.07 26.62
CA GLY C 68 -32.00 -31.14 25.70
C GLY C 68 -31.62 -30.90 24.24
N THR C 69 -30.42 -30.36 24.03
CA THR C 69 -29.98 -29.91 22.70
C THR C 69 -29.56 -31.04 21.72
N TYR C 70 -29.60 -32.27 22.17
CA TYR C 70 -29.21 -33.36 21.35
C TYR C 70 -30.11 -33.52 20.17
N ARG C 71 -31.33 -33.01 20.29
CA ARG C 71 -32.30 -33.03 19.19
C ARG C 71 -31.90 -32.13 18.00
N PHE C 72 -30.95 -31.22 18.20
CA PHE C 72 -30.48 -30.31 17.14
C PHE C 72 -29.37 -30.91 16.28
N LYS C 73 -29.30 -30.47 15.05
CA LYS C 73 -28.39 -31.01 14.07
C LYS C 73 -26.98 -31.18 14.59
N LYS C 74 -26.38 -30.09 15.03
CA LYS C 74 -25.01 -30.09 15.42
C LYS C 74 -24.64 -31.16 16.41
N GLU C 75 -25.43 -31.33 17.44
CA GLU C 75 -25.09 -32.23 18.49
C GLU C 75 -25.48 -33.61 18.10
N PHE C 76 -26.41 -33.74 17.19
CA PHE C 76 -26.88 -35.03 16.75
C PHE C 76 -25.90 -35.68 15.83
N ASN C 77 -25.27 -34.89 14.98
CA ASN C 77 -24.36 -35.44 13.98
C ASN C 77 -22.91 -35.51 14.46
N ASP C 78 -22.68 -35.12 15.70
CA ASP C 78 -21.38 -35.13 16.29
C ASP C 78 -20.80 -36.53 16.15
N PRO C 79 -19.60 -36.64 15.53
CA PRO C 79 -18.94 -37.94 15.40
C PRO C 79 -18.79 -38.67 16.73
N SER C 80 -18.70 -37.91 17.82
CA SER C 80 -18.57 -38.50 19.13
C SER C 80 -19.84 -39.26 19.56
N ASN C 81 -20.95 -38.94 18.91
CA ASN C 81 -22.26 -39.53 19.26
C ASN C 81 -22.76 -40.63 18.29
N ALA C 82 -21.90 -41.05 17.37
CA ALA C 82 -22.28 -41.99 16.33
C ALA C 82 -22.74 -43.29 16.96
N GLY C 83 -23.89 -43.77 16.52
CA GLY C 83 -24.51 -44.93 17.10
C GLY C 83 -25.53 -44.54 18.16
N LEU C 84 -25.52 -43.28 18.61
CA LEU C 84 -26.51 -42.89 19.64
C LEU C 84 -27.91 -42.64 19.07
N GLN C 85 -28.00 -42.41 17.75
CA GLN C 85 -29.26 -42.24 17.04
C GLN C 85 -30.14 -43.45 17.25
N ASN C 86 -29.53 -44.60 17.45
CA ASN C 86 -30.29 -45.81 17.76
C ASN C 86 -31.11 -45.62 19.03
N GLY C 87 -30.49 -45.07 20.07
CA GLY C 87 -31.20 -44.83 21.32
C GLY C 87 -32.26 -43.73 21.20
N PHE C 88 -31.95 -42.71 20.42
CA PHE C 88 -32.89 -41.65 20.18
C PHE C 88 -34.17 -42.19 19.50
N LYS C 89 -34.00 -42.88 18.39
CA LYS C 89 -35.15 -43.43 17.65
C LYS C 89 -35.89 -44.47 18.50
N PHE C 90 -35.17 -45.13 19.40
CA PHE C 90 -35.85 -46.01 20.35
C PHE C 90 -36.80 -45.20 21.23
N LEU C 91 -36.33 -44.04 21.70
CA LEU C 91 -37.10 -43.21 22.64
C LEU C 91 -38.14 -42.31 21.99
N GLU C 92 -38.12 -42.24 20.67
CA GLU C 92 -39.01 -41.35 19.97
C GLU C 92 -40.48 -41.76 20.03
N PRO C 93 -40.79 -43.04 19.93
CA PRO C 93 -42.18 -43.48 20.18
C PRO C 93 -42.62 -43.28 21.62
N ILE C 94 -41.68 -43.21 22.55
CA ILE C 94 -42.02 -42.98 23.94
C ILE C 94 -42.36 -41.50 24.16
N HIS C 95 -41.81 -40.63 23.36
CA HIS C 95 -42.05 -39.22 23.50
C HIS C 95 -43.35 -38.80 22.85
N LYS C 96 -43.73 -39.49 21.81
CA LYS C 96 -44.94 -39.13 21.07
C LYS C 96 -46.13 -39.53 21.93
N GLU C 97 -45.93 -40.58 22.72
CA GLU C 97 -46.91 -41.03 23.68
C GLU C 97 -47.01 -40.09 24.89
N PHE C 98 -45.88 -39.54 25.31
CA PHE C 98 -45.87 -38.63 26.44
C PHE C 98 -45.29 -37.30 25.98
N PRO C 99 -46.05 -36.57 25.16
CA PRO C 99 -45.51 -35.36 24.52
C PRO C 99 -45.21 -34.24 25.50
N TRP C 100 -45.42 -34.48 26.78
CA TRP C 100 -45.22 -33.41 27.76
C TRP C 100 -43.84 -33.35 28.42
N ILE C 101 -43.12 -34.46 28.39
CA ILE C 101 -41.82 -34.49 29.03
C ILE C 101 -40.78 -33.80 28.15
N SER C 102 -39.89 -33.03 28.77
CA SER C 102 -38.86 -32.31 28.01
C SER C 102 -37.81 -33.28 27.48
N SER C 103 -37.14 -32.88 26.40
CA SER C 103 -36.12 -33.72 25.79
C SER C 103 -35.06 -34.12 26.81
N GLY C 104 -34.53 -33.13 27.52
CA GLY C 104 -33.57 -33.40 28.57
C GLY C 104 -34.06 -34.44 29.56
N ASP C 105 -35.27 -34.26 30.05
CA ASP C 105 -35.81 -35.15 31.08
C ASP C 105 -35.95 -36.57 30.56
N LEU C 106 -36.38 -36.70 29.31
CA LEU C 106 -36.53 -38.02 28.70
C LEU C 106 -35.20 -38.74 28.48
N PHE C 107 -34.26 -38.06 27.83
CA PHE C 107 -32.93 -38.58 27.54
C PHE C 107 -32.27 -39.02 28.83
N SER C 108 -32.34 -38.15 29.83
CA SER C 108 -31.75 -38.45 31.11
C SER C 108 -32.48 -39.55 31.86
N LEU C 109 -33.83 -39.53 31.78
CA LEU C 109 -34.65 -40.56 32.40
C LEU C 109 -34.41 -41.92 31.78
N GLY C 110 -34.20 -41.92 30.47
CA GLY C 110 -33.93 -43.14 29.74
C GLY C 110 -32.68 -43.83 30.27
N GLY C 111 -31.74 -43.02 30.76
CA GLY C 111 -30.50 -43.56 31.30
C GLY C 111 -30.68 -44.21 32.66
N VAL C 112 -31.46 -43.57 33.52
CA VAL C 112 -31.76 -44.11 34.86
C VAL C 112 -32.52 -45.42 34.75
N THR C 113 -33.50 -45.43 33.85
CA THR C 113 -34.30 -46.60 33.62
C THR C 113 -33.44 -47.80 33.23
N ALA C 114 -32.56 -47.60 32.24
CA ALA C 114 -31.72 -48.69 31.72
C ALA C 114 -30.84 -49.31 32.81
N VAL C 115 -30.22 -48.48 33.62
CA VAL C 115 -29.33 -48.99 34.65
C VAL C 115 -30.10 -49.81 35.69
N GLN C 116 -31.26 -49.28 36.12
CA GLN C 116 -32.09 -49.95 37.11
C GLN C 116 -32.71 -51.24 36.59
N GLU C 117 -33.19 -51.22 35.35
CA GLU C 117 -33.77 -52.40 34.73
C GLU C 117 -32.78 -53.51 34.42
N MET C 118 -31.49 -53.20 34.39
CA MET C 118 -30.45 -54.19 34.18
C MET C 118 -29.86 -54.64 35.51
N GLN C 119 -30.63 -54.40 36.57
CA GLN C 119 -30.36 -54.89 37.93
C GLN C 119 -29.23 -54.11 38.60
N GLY C 120 -29.06 -52.86 38.19
CA GLY C 120 -28.06 -52.00 38.81
C GLY C 120 -28.62 -51.27 40.02
N PRO C 121 -27.84 -50.36 40.60
CA PRO C 121 -28.28 -49.66 41.82
C PRO C 121 -29.45 -48.74 41.51
N LYS C 122 -30.09 -48.20 42.53
CA LYS C 122 -31.12 -47.20 42.29
C LYS C 122 -30.48 -45.83 42.13
N ILE C 123 -30.93 -45.05 41.17
CA ILE C 123 -30.42 -43.70 40.93
C ILE C 123 -31.52 -42.64 41.03
N PRO C 124 -31.50 -41.85 42.09
CA PRO C 124 -32.43 -40.74 42.33
C PRO C 124 -32.44 -39.83 41.12
N TRP C 125 -33.60 -39.39 40.66
CA TRP C 125 -33.70 -38.62 39.45
C TRP C 125 -34.62 -37.42 39.65
N ARG C 126 -34.27 -36.28 39.07
CA ARG C 126 -35.09 -35.09 39.20
C ARG C 126 -35.67 -34.64 37.88
N CYS C 127 -36.85 -34.02 37.95
CA CYS C 127 -37.47 -33.46 36.76
C CYS C 127 -37.19 -31.97 36.74
N GLY C 128 -37.48 -31.32 35.63
CA GLY C 128 -37.31 -29.88 35.60
C GLY C 128 -36.45 -29.31 34.50
N ARG C 129 -35.95 -30.14 33.59
CA ARG C 129 -35.12 -29.66 32.49
C ARG C 129 -36.00 -28.96 31.48
N VAL C 130 -35.53 -27.85 30.93
CA VAL C 130 -36.35 -27.10 29.99
C VAL C 130 -35.64 -26.94 28.65
N ASP C 131 -36.30 -27.38 27.59
CA ASP C 131 -35.77 -27.36 26.24
C ASP C 131 -35.38 -25.94 25.84
N THR C 132 -34.14 -25.76 25.36
CA THR C 132 -33.65 -24.43 24.94
C THR C 132 -33.35 -24.36 23.42
N PRO C 133 -33.23 -23.13 22.86
CA PRO C 133 -33.13 -22.99 21.41
C PRO C 133 -31.81 -23.46 20.80
N GLU C 134 -31.81 -23.56 19.48
CA GLU C 134 -30.68 -24.07 18.72
C GLU C 134 -29.31 -23.40 19.03
N ASP C 135 -29.32 -22.10 19.29
CA ASP C 135 -28.11 -21.37 19.63
C ASP C 135 -27.46 -21.79 20.97
N THR C 136 -28.18 -22.57 21.79
CA THR C 136 -27.62 -23.07 23.05
C THR C 136 -26.91 -24.43 22.92
N THR C 137 -26.94 -25.01 21.70
CA THR C 137 -26.27 -26.27 21.42
C THR C 137 -24.76 -26.10 21.43
N PRO C 138 -24.06 -26.87 22.28
CA PRO C 138 -22.60 -26.79 22.36
C PRO C 138 -21.93 -27.40 21.12
N ASP C 139 -20.81 -26.80 20.71
CA ASP C 139 -20.06 -27.28 19.56
C ASP C 139 -19.53 -28.69 19.81
N ASN C 140 -19.15 -29.36 18.75
CA ASN C 140 -18.56 -30.66 18.87
C ASN C 140 -17.19 -30.55 19.44
N GLY C 141 -16.73 -31.60 20.06
CA GLY C 141 -15.37 -31.65 20.52
C GLY C 141 -15.24 -31.58 22.01
N ARG C 142 -16.36 -31.63 22.72
CA ARG C 142 -16.40 -31.55 24.20
C ARG C 142 -16.47 -32.89 24.95
N LEU C 143 -16.73 -33.98 24.21
CA LEU C 143 -16.74 -35.34 24.77
C LEU C 143 -15.32 -35.92 24.60
N PRO C 144 -14.96 -36.92 25.42
CA PRO C 144 -13.54 -37.32 25.45
C PRO C 144 -13.03 -38.26 24.33
N ASP C 145 -11.73 -38.19 24.06
CA ASP C 145 -11.05 -39.11 23.15
C ASP C 145 -10.71 -40.42 23.84
N ALA C 146 -10.59 -41.47 23.10
CA ALA C 146 -10.33 -42.75 23.71
C ALA C 146 -8.87 -43.18 23.70
N ASP C 147 -8.06 -42.47 22.96
CA ASP C 147 -6.69 -42.87 22.79
C ASP C 147 -5.72 -42.10 23.62
N LYS C 148 -6.14 -41.71 24.80
CA LYS C 148 -5.26 -41.04 25.73
C LYS C 148 -4.91 -41.71 27.04
N ASP C 149 -4.21 -40.97 27.87
CA ASP C 149 -3.69 -41.44 29.15
C ASP C 149 -4.41 -40.91 30.39
N ALA C 150 -4.01 -41.42 31.54
CA ALA C 150 -4.70 -41.19 32.79
C ALA C 150 -4.81 -39.77 33.15
N ASP C 151 -3.86 -39.01 32.69
CA ASP C 151 -3.79 -37.65 33.06
C ASP C 151 -4.56 -36.79 32.06
N TYR C 152 -4.85 -37.30 30.90
CA TYR C 152 -5.80 -36.67 30.00
C TYR C 152 -7.17 -36.79 30.60
N VAL C 153 -7.51 -38.01 30.97
CA VAL C 153 -8.77 -38.36 31.61
C VAL C 153 -9.02 -37.54 32.88
N ARG C 154 -8.00 -37.39 33.72
CA ARG C 154 -8.12 -36.65 34.98
C ARG C 154 -8.42 -35.18 34.69
N THR C 155 -7.66 -34.59 33.77
CA THR C 155 -7.88 -33.20 33.41
C THR C 155 -9.22 -33.00 32.72
N PHE C 156 -9.65 -33.98 31.90
CA PHE C 156 -10.94 -33.89 31.20
C PHE C 156 -12.07 -33.73 32.20
N PHE C 157 -12.15 -34.68 33.12
CA PHE C 157 -13.27 -34.80 34.04
C PHE C 157 -13.33 -33.71 35.11
N GLN C 158 -12.27 -32.90 35.23
CA GLN C 158 -12.31 -31.74 36.14
C GLN C 158 -13.28 -30.72 35.56
N ARG C 159 -13.45 -30.75 34.23
CA ARG C 159 -14.33 -29.80 33.56
C ARG C 159 -15.79 -30.14 33.94
N LEU C 160 -16.03 -31.42 34.26
CA LEU C 160 -17.35 -31.88 34.68
C LEU C 160 -17.43 -31.87 36.19
N ASN C 161 -16.38 -31.37 36.82
CA ASN C 161 -16.30 -31.24 38.28
C ASN C 161 -16.37 -32.58 39.03
N MET C 162 -15.66 -33.57 38.51
CA MET C 162 -15.62 -34.91 39.04
C MET C 162 -14.19 -35.23 39.50
N ASN C 163 -14.05 -35.88 40.65
CA ASN C 163 -12.75 -36.25 41.18
C ASN C 163 -12.47 -37.73 40.90
N ASP C 164 -11.34 -38.21 41.35
CA ASP C 164 -10.86 -39.53 41.01
C ASP C 164 -11.74 -40.69 41.34
N ARG C 165 -12.33 -40.64 42.51
CA ARG C 165 -13.23 -41.70 42.93
C ARG C 165 -14.47 -41.63 42.02
N GLU C 166 -14.90 -40.41 41.69
CA GLU C 166 -16.08 -40.27 40.85
C GLU C 166 -15.88 -40.80 39.42
N VAL C 167 -14.74 -40.52 38.80
CA VAL C 167 -14.52 -40.95 37.40
C VAL C 167 -14.28 -42.44 37.28
N VAL C 168 -13.62 -43.05 38.23
CA VAL C 168 -13.42 -44.48 38.17
C VAL C 168 -14.73 -45.22 38.37
N ALA C 169 -15.64 -44.64 39.11
CA ALA C 169 -16.94 -45.22 39.30
C ALA C 169 -17.79 -45.05 38.10
N LEU C 170 -17.74 -43.90 37.48
CA LEU C 170 -18.51 -43.68 36.30
C LEU C 170 -18.05 -44.62 35.22
N MET C 171 -16.75 -44.90 35.19
CA MET C 171 -16.19 -45.74 34.13
C MET C 171 -16.64 -47.21 34.25
N GLY C 172 -17.12 -47.59 35.43
CA GLY C 172 -17.63 -48.95 35.59
C GLY C 172 -18.76 -49.30 34.67
N ALA C 173 -19.43 -48.30 34.12
CA ALA C 173 -20.51 -48.49 33.17
C ALA C 173 -20.06 -49.17 31.90
N HIS C 174 -18.74 -49.29 31.70
CA HIS C 174 -18.25 -50.00 30.52
C HIS C 174 -18.34 -51.50 30.71
N ALA C 175 -18.94 -51.89 31.84
CA ALA C 175 -19.37 -53.27 31.99
C ALA C 175 -20.51 -53.54 31.00
N LEU C 176 -21.23 -52.50 30.58
CA LEU C 176 -22.37 -52.63 29.70
C LEU C 176 -22.02 -52.49 28.22
N GLY C 177 -22.58 -53.37 27.39
CA GLY C 177 -22.48 -53.21 25.95
C GLY C 177 -21.14 -53.52 25.27
N LYS C 178 -20.92 -52.85 24.14
CA LYS C 178 -19.74 -53.09 23.35
C LYS C 178 -19.41 -51.87 22.49
N THR C 179 -18.25 -51.91 21.86
CA THR C 179 -17.84 -50.91 20.89
C THR C 179 -18.19 -51.47 19.52
N HIS C 180 -18.50 -50.61 18.56
CA HIS C 180 -18.85 -51.07 17.24
C HIS C 180 -17.96 -50.34 16.24
N LEU C 181 -17.11 -51.10 15.54
CA LEU C 181 -16.16 -50.50 14.61
C LEU C 181 -16.72 -49.37 13.76
N LYS C 182 -17.93 -49.53 13.26
CA LYS C 182 -18.46 -48.50 12.37
C LYS C 182 -18.91 -47.22 13.11
N ASN C 183 -19.13 -47.32 14.42
CA ASN C 183 -19.46 -46.16 15.20
C ASN C 183 -18.26 -45.37 15.69
N SER C 184 -17.35 -46.05 16.38
CA SER C 184 -16.25 -45.42 17.09
C SER C 184 -14.89 -45.72 16.57
N GLY C 185 -14.72 -46.87 15.94
CA GLY C 185 -13.41 -47.28 15.49
C GLY C 185 -12.81 -48.29 16.43
N TYR C 186 -13.65 -48.98 17.16
CA TYR C 186 -13.22 -49.97 18.09
C TYR C 186 -14.21 -51.10 18.01
N GLU C 187 -13.77 -52.33 18.20
CA GLU C 187 -14.63 -53.53 18.16
C GLU C 187 -14.45 -54.43 19.37
N GLY C 188 -15.56 -54.92 19.93
CA GLY C 188 -15.53 -55.86 21.04
C GLY C 188 -16.08 -55.27 22.33
N PRO C 189 -16.52 -56.15 23.25
CA PRO C 189 -17.06 -55.81 24.58
C PRO C 189 -15.98 -55.77 25.65
N TRP C 190 -16.35 -55.24 26.80
CA TRP C 190 -15.49 -55.13 27.93
C TRP C 190 -15.80 -56.29 28.88
N GLY C 191 -16.84 -57.04 28.60
CA GLY C 191 -17.25 -58.12 29.49
C GLY C 191 -18.08 -59.28 28.98
N ALA C 192 -18.59 -60.07 29.90
CA ALA C 192 -19.40 -61.23 29.58
C ALA C 192 -20.85 -60.90 29.61
N ALA C 193 -21.29 -60.41 30.74
CA ALA C 193 -22.68 -60.00 30.91
C ALA C 193 -22.90 -58.62 30.28
N ASN C 194 -23.11 -58.62 28.98
CA ASN C 194 -23.19 -57.38 28.21
C ASN C 194 -24.35 -56.51 28.64
N ASN C 195 -25.42 -57.14 29.12
CA ASN C 195 -26.61 -56.39 29.44
C ASN C 195 -27.10 -56.51 30.86
N VAL C 196 -26.21 -56.89 31.78
CA VAL C 196 -26.53 -56.82 33.21
C VAL C 196 -25.45 -56.08 33.99
N PHE C 197 -25.90 -55.21 34.88
CA PHE C 197 -25.04 -54.25 35.59
C PHE C 197 -24.30 -54.82 36.82
N THR C 198 -22.98 -54.98 36.69
CA THR C 198 -22.11 -55.50 37.77
C THR C 198 -20.78 -54.75 37.82
N ASN C 199 -19.87 -55.23 38.69
CA ASN C 199 -18.54 -54.65 38.79
C ASN C 199 -17.54 -55.39 37.93
N GLU C 200 -18.03 -56.08 36.91
CA GLU C 200 -17.20 -56.92 36.08
C GLU C 200 -16.10 -56.12 35.37
N PHE C 201 -16.35 -54.82 35.17
CA PHE C 201 -15.39 -53.96 34.48
C PHE C 201 -14.06 -53.94 35.20
N TYR C 202 -14.09 -53.70 36.51
CA TYR C 202 -12.89 -53.64 37.30
C TYR C 202 -12.27 -55.04 37.40
N LEU C 203 -13.11 -56.06 37.54
CA LEU C 203 -12.61 -57.44 37.56
C LEU C 203 -11.85 -57.81 36.29
N ASN C 204 -12.48 -57.68 35.12
CA ASN C 204 -11.77 -57.98 33.88
C ASN C 204 -10.49 -57.14 33.74
N LEU C 205 -10.50 -55.95 34.31
CA LEU C 205 -9.36 -55.10 34.21
C LEU C 205 -8.16 -55.65 34.93
N LEU C 206 -8.38 -56.16 36.13
CA LEU C 206 -7.30 -56.67 36.94
C LEU C 206 -6.99 -58.14 36.74
N ASN C 207 -7.80 -58.91 36.04
CA ASN C 207 -7.64 -60.35 36.02
C ASN C 207 -7.19 -60.97 34.73
N GLU C 208 -7.39 -60.27 33.64
CA GLU C 208 -7.13 -60.80 32.32
C GLU C 208 -5.71 -60.44 31.95
N ASP C 209 -5.16 -61.10 30.94
CA ASP C 209 -3.90 -60.67 30.36
C ASP C 209 -4.18 -59.89 29.09
N TRP C 210 -3.88 -58.59 29.14
CA TRP C 210 -4.20 -57.71 28.04
C TRP C 210 -3.01 -57.55 27.13
N LYS C 211 -3.26 -57.53 25.83
CA LYS C 211 -2.24 -57.29 24.82
C LYS C 211 -2.69 -56.13 23.94
N LEU C 212 -1.78 -55.19 23.70
CA LEU C 212 -2.08 -53.99 22.95
C LEU C 212 -2.01 -54.31 21.48
N GLU C 213 -3.12 -54.07 20.77
CA GLU C 213 -3.21 -54.44 19.37
C GLU C 213 -3.78 -53.27 18.55
N LYS C 214 -3.61 -53.30 17.22
CA LYS C 214 -4.36 -52.42 16.32
C LYS C 214 -5.58 -53.14 15.75
N ASN C 215 -6.72 -52.44 15.69
CA ASN C 215 -7.93 -53.01 15.09
C ASN C 215 -7.99 -52.69 13.57
N ASP C 216 -9.11 -53.01 12.93
CA ASP C 216 -9.22 -52.81 11.49
C ASP C 216 -9.36 -51.32 11.13
N ALA C 217 -9.71 -50.50 12.12
CA ALA C 217 -9.78 -49.04 11.91
C ALA C 217 -8.46 -48.33 12.21
N ASN C 218 -7.41 -49.12 12.44
CA ASN C 218 -6.05 -48.63 12.68
C ASN C 218 -5.85 -47.84 14.01
N ASN C 219 -6.72 -48.09 14.97
CA ASN C 219 -6.57 -47.53 16.30
C ASN C 219 -6.08 -48.58 17.30
N GLU C 220 -5.47 -48.12 18.37
CA GLU C 220 -5.02 -49.06 19.37
C GLU C 220 -6.07 -49.40 20.44
N GLN C 221 -6.19 -50.68 20.76
CA GLN C 221 -6.99 -51.11 21.92
C GLN C 221 -6.35 -52.34 22.56
N TRP C 222 -6.61 -52.56 23.85
CA TRP C 222 -6.11 -53.73 24.55
C TRP C 222 -7.05 -54.92 24.42
N ASP C 223 -6.53 -56.05 23.93
CA ASP C 223 -7.37 -57.21 23.70
C ASP C 223 -6.96 -58.38 24.57
N SER C 224 -7.96 -59.08 25.04
CA SER C 224 -7.81 -60.17 25.94
C SER C 224 -8.11 -61.44 25.22
N LYS C 225 -7.53 -62.50 25.75
CA LYS C 225 -7.66 -63.83 25.27
C LYS C 225 -9.06 -64.30 25.47
N SER C 226 -9.78 -63.66 26.35
CA SER C 226 -11.11 -64.11 26.71
C SER C 226 -12.17 -63.48 25.84
N GLY C 227 -11.74 -62.65 24.91
CA GLY C 227 -12.65 -62.03 23.98
C GLY C 227 -13.06 -60.62 24.35
N TYR C 228 -12.38 -60.05 25.32
CA TYR C 228 -12.75 -58.73 25.81
C TYR C 228 -11.81 -57.67 25.24
N MET C 229 -12.15 -56.41 25.45
CA MET C 229 -11.26 -55.33 25.04
C MET C 229 -11.32 -54.19 26.08
N MET C 230 -10.34 -53.30 26.01
CA MET C 230 -10.32 -52.10 26.83
C MET C 230 -9.78 -50.97 25.98
N LEU C 231 -10.42 -49.81 26.04
CA LEU C 231 -9.88 -48.63 25.38
C LEU C 231 -8.62 -48.19 26.17
N PRO C 232 -7.64 -47.54 25.49
CA PRO C 232 -6.49 -46.98 26.19
C PRO C 232 -6.88 -46.15 27.44
N THR C 233 -7.98 -45.40 27.38
CA THR C 233 -8.42 -44.63 28.56
C THR C 233 -8.94 -45.56 29.67
N ASP C 234 -9.43 -46.71 29.30
CA ASP C 234 -9.92 -47.62 30.29
C ASP C 234 -8.74 -48.20 31.02
N TYR C 235 -7.76 -48.64 30.26
CA TYR C 235 -6.55 -49.24 30.77
C TYR C 235 -5.67 -48.28 31.54
N SER C 236 -5.80 -47.00 31.31
CA SER C 236 -5.01 -46.04 32.06
C SER C 236 -5.46 -46.00 33.52
N LEU C 237 -6.63 -46.57 33.80
CA LEU C 237 -7.14 -46.57 35.17
C LEU C 237 -6.40 -47.57 36.06
N ILE C 238 -5.57 -48.40 35.45
CA ILE C 238 -4.71 -49.31 36.21
C ILE C 238 -3.23 -48.99 35.99
N GLN C 239 -2.95 -48.00 35.15
CA GLN C 239 -1.60 -47.53 34.93
C GLN C 239 -1.29 -46.43 35.92
N ASP C 240 -2.34 -45.84 36.47
CA ASP C 240 -2.16 -44.71 37.37
C ASP C 240 -2.42 -45.24 38.76
N PRO C 241 -1.46 -45.03 39.67
CA PRO C 241 -1.55 -45.58 41.02
C PRO C 241 -2.78 -45.07 41.77
N LYS C 242 -3.11 -43.79 41.63
CA LYS C 242 -4.29 -43.25 42.31
C LYS C 242 -5.57 -43.86 41.75
N TYR C 243 -5.64 -44.10 40.47
CA TYR C 243 -6.78 -44.78 39.88
C TYR C 243 -6.85 -46.25 40.23
N LEU C 244 -5.72 -46.92 40.26
CA LEU C 244 -5.64 -48.35 40.54
C LEU C 244 -6.22 -48.73 41.91
N SER C 245 -5.88 -47.95 42.94
CA SER C 245 -6.34 -48.31 44.29
C SER C 245 -7.88 -48.20 44.44
N ILE C 246 -8.50 -47.40 43.57
CA ILE C 246 -9.95 -47.34 43.48
C ILE C 246 -10.51 -48.46 42.57
N VAL C 247 -9.75 -48.86 41.55
CA VAL C 247 -10.16 -49.98 40.71
C VAL C 247 -10.22 -51.29 41.51
N LYS C 248 -9.17 -51.50 42.31
CA LYS C 248 -9.07 -52.68 43.16
C LYS C 248 -10.22 -52.74 44.13
N GLU C 249 -10.55 -51.57 44.65
CA GLU C 249 -11.62 -51.40 45.62
C GLU C 249 -12.99 -51.79 45.04
N TYR C 250 -13.26 -51.38 43.82
CA TYR C 250 -14.56 -51.65 43.22
C TYR C 250 -14.66 -53.12 42.75
N ALA C 251 -13.50 -53.75 42.56
CA ALA C 251 -13.45 -55.17 42.20
C ALA C 251 -13.72 -56.11 43.40
N ASN C 252 -13.40 -55.66 44.61
CA ASN C 252 -13.65 -56.45 45.80
C ASN C 252 -15.05 -56.30 46.38
N ASP C 253 -15.66 -55.14 46.15
CA ASP C 253 -16.89 -54.73 46.82
C ASP C 253 -17.88 -54.08 45.85
N GLN C 254 -18.72 -54.88 45.23
CA GLN C 254 -19.67 -54.39 44.28
C GLN C 254 -20.69 -53.45 44.90
N ASP C 255 -20.81 -53.49 46.20
CA ASP C 255 -21.74 -52.63 46.92
C ASP C 255 -21.28 -51.18 47.05
N LYS C 256 -19.99 -50.97 47.23
CA LYS C 256 -19.46 -49.61 47.32
C LYS C 256 -19.47 -48.93 45.93
N PHE C 257 -19.15 -49.71 44.90
CA PHE C 257 -19.25 -49.31 43.50
C PHE C 257 -20.67 -48.87 43.19
N PHE C 258 -21.63 -49.66 43.67
CA PHE C 258 -23.04 -49.34 43.50
C PHE C 258 -23.42 -48.02 44.14
N LYS C 259 -22.93 -47.76 45.36
CA LYS C 259 -23.29 -46.53 46.05
C LYS C 259 -22.66 -45.36 45.36
N ASP C 260 -21.38 -45.51 45.04
CA ASP C 260 -20.58 -44.46 44.41
C ASP C 260 -21.04 -44.08 43.00
N PHE C 261 -21.37 -45.10 42.20
CA PHE C 261 -21.83 -44.89 40.85
C PHE C 261 -23.15 -44.11 40.88
N SER C 262 -24.00 -44.41 41.87
CA SER C 262 -25.27 -43.70 42.00
C SER C 262 -25.12 -42.20 42.33
N LYS C 263 -24.29 -41.83 43.32
CA LYS C 263 -24.09 -40.41 43.59
C LYS C 263 -23.50 -39.73 42.38
N ALA C 264 -22.61 -40.46 41.70
CA ALA C 264 -21.88 -39.89 40.56
C ALA C 264 -22.73 -39.84 39.28
N PHE C 265 -23.62 -40.79 39.11
CA PHE C 265 -24.50 -40.72 37.97
C PHE C 265 -25.58 -39.66 38.14
N GLU C 266 -26.12 -39.51 39.33
CA GLU C 266 -27.13 -38.48 39.59
C GLU C 266 -26.53 -37.08 39.42
N LYS C 267 -25.28 -36.93 39.87
CA LYS C 267 -24.57 -35.70 39.79
C LYS C 267 -24.22 -35.35 38.36
N LEU C 268 -23.97 -36.38 37.58
CA LEU C 268 -23.63 -36.17 36.21
C LEU C 268 -24.78 -35.57 35.50
N LEU C 269 -25.95 -36.14 35.73
CA LEU C 269 -27.16 -35.76 35.02
C LEU C 269 -27.78 -34.44 35.47
N GLU C 270 -27.35 -33.97 36.64
CA GLU C 270 -27.90 -32.75 37.22
C GLU C 270 -26.96 -31.55 37.11
N ASN C 271 -25.72 -31.79 36.71
CA ASN C 271 -24.74 -30.72 36.54
C ASN C 271 -25.35 -29.58 35.70
N GLY C 272 -25.22 -28.34 36.18
CA GLY C 272 -25.71 -27.18 35.46
C GLY C 272 -27.09 -26.73 35.85
N ILE C 273 -27.80 -27.56 36.61
CA ILE C 273 -29.17 -27.26 36.98
C ILE C 273 -29.32 -26.68 38.39
N THR C 274 -29.99 -25.54 38.49
CA THR C 274 -30.37 -25.02 39.81
C THR C 274 -31.80 -25.46 40.13
N PHE C 275 -31.95 -26.15 41.26
CA PHE C 275 -33.23 -26.63 41.78
C PHE C 275 -33.75 -25.71 42.88
N PRO C 276 -34.97 -25.17 42.71
CA PRO C 276 -35.63 -24.32 43.72
C PRO C 276 -35.88 -25.09 45.02
N LYS C 277 -35.96 -24.38 46.15
CA LYS C 277 -36.07 -25.09 47.44
C LYS C 277 -37.45 -25.71 47.68
N ASP C 278 -38.47 -25.20 46.99
CA ASP C 278 -39.82 -25.77 47.06
C ASP C 278 -40.03 -26.78 45.93
N ALA C 279 -38.93 -27.22 45.33
CA ALA C 279 -38.97 -28.21 44.24
C ALA C 279 -39.07 -29.61 44.84
N PRO C 280 -39.66 -30.54 44.09
CA PRO C 280 -39.85 -31.90 44.62
C PRO C 280 -38.58 -32.64 45.10
N SER C 281 -38.73 -33.40 46.17
CA SER C 281 -37.67 -34.27 46.62
C SER C 281 -37.37 -35.24 45.46
N PRO C 282 -36.10 -35.67 45.31
CA PRO C 282 -35.73 -36.61 44.25
C PRO C 282 -36.58 -37.86 44.21
N PHE C 283 -37.04 -38.23 43.01
CA PHE C 283 -37.86 -39.41 42.84
C PHE C 283 -36.99 -40.65 42.77
N ILE C 284 -37.30 -41.67 43.55
CA ILE C 284 -36.68 -42.97 43.34
C ILE C 284 -37.74 -43.93 42.76
N PHE C 285 -37.64 -44.20 41.46
CA PHE C 285 -38.65 -45.00 40.78
C PHE C 285 -38.48 -46.48 41.09
N LYS C 286 -39.58 -47.22 41.03
CA LYS C 286 -39.57 -48.65 41.30
C LYS C 286 -39.41 -49.42 40.01
N THR C 287 -38.79 -50.59 40.09
CA THR C 287 -38.57 -51.41 38.91
C THR C 287 -39.89 -52.01 38.43
N LEU C 288 -39.84 -52.60 37.25
CA LEU C 288 -40.99 -53.26 36.67
C LEU C 288 -41.29 -54.49 37.53
N GLU C 289 -40.26 -55.06 38.14
CA GLU C 289 -40.42 -56.22 39.00
C GLU C 289 -40.92 -55.87 40.40
N GLU C 290 -40.61 -54.68 40.89
CA GLU C 290 -41.09 -54.30 42.20
C GLU C 290 -42.56 -53.94 42.11
N GLN C 291 -43.02 -53.70 40.91
CA GLN C 291 -44.38 -53.27 40.74
C GLN C 291 -45.26 -54.45 40.46
N GLY C 292 -44.73 -55.36 39.65
CA GLY C 292 -45.40 -56.57 39.28
C GLY C 292 -45.62 -56.72 37.80
N LEU C 293 -44.70 -56.22 36.99
CA LEU C 293 -44.82 -56.39 35.55
C LEU C 293 -43.62 -57.12 34.98
N PRO D 2 35.65 26.87 -30.33
CA PRO D 2 35.50 27.01 -28.89
C PRO D 2 35.72 28.46 -28.48
N LEU D 3 35.88 29.32 -29.47
CA LEU D 3 36.10 30.74 -29.29
C LEU D 3 35.26 31.32 -28.17
N VAL D 4 35.76 32.34 -27.48
CA VAL D 4 35.05 32.84 -26.32
C VAL D 4 34.84 34.33 -26.33
N HIS D 5 33.65 34.75 -25.94
CA HIS D 5 33.38 36.19 -25.83
C HIS D 5 33.09 36.66 -24.39
N VAL D 6 34.05 37.36 -23.79
CA VAL D 6 33.91 37.82 -22.41
C VAL D 6 33.39 39.27 -22.32
N ALA D 7 32.42 39.48 -21.43
CA ALA D 7 31.80 40.80 -21.25
C ALA D 7 32.67 41.89 -20.61
N SER D 8 32.97 42.92 -21.38
CA SER D 8 33.71 44.09 -20.89
C SER D 8 32.80 45.32 -20.78
N VAL D 9 32.47 45.71 -19.54
CA VAL D 9 31.66 46.90 -19.27
C VAL D 9 32.31 48.16 -19.87
N GLU D 10 31.50 49.00 -20.50
CA GLU D 10 32.01 50.27 -21.02
C GLU D 10 32.62 51.08 -19.89
N LYS D 11 33.78 51.66 -20.15
CA LYS D 11 34.58 52.32 -19.13
C LYS D 11 33.83 53.40 -18.35
N GLY D 12 33.67 53.16 -17.06
CA GLY D 12 33.08 54.14 -16.17
C GLY D 12 31.63 54.46 -16.37
N ARG D 13 30.83 53.46 -16.72
CA ARG D 13 29.41 53.67 -16.91
C ARG D 13 28.58 52.72 -16.08
N SER D 14 27.28 52.91 -16.09
CA SER D 14 26.42 52.09 -15.28
C SER D 14 24.93 52.42 -15.39
N TYR D 15 24.14 51.64 -14.67
CA TYR D 15 22.69 51.66 -14.72
C TYR D 15 22.08 52.99 -15.04
N GLU D 16 22.54 54.02 -14.36
CA GLU D 16 21.99 55.34 -14.52
C GLU D 16 22.16 55.77 -15.93
N ASP D 17 23.39 55.80 -16.39
CA ASP D 17 23.70 56.27 -17.72
C ASP D 17 22.77 55.64 -18.75
N PHE D 18 22.91 54.33 -18.79
CA PHE D 18 22.35 53.46 -19.78
C PHE D 18 20.87 53.70 -19.91
N GLN D 19 20.29 54.29 -18.87
CA GLN D 19 18.90 54.71 -18.88
C GLN D 19 18.75 55.99 -19.69
N LYS D 20 19.80 56.79 -19.73
CA LYS D 20 19.81 57.98 -20.59
C LYS D 20 19.76 57.58 -22.06
N VAL D 21 20.44 56.46 -22.38
CA VAL D 21 20.43 55.93 -23.74
C VAL D 21 19.04 55.45 -24.09
N TYR D 22 18.42 54.76 -23.14
CA TYR D 22 17.01 54.37 -23.18
C TYR D 22 16.15 55.60 -23.44
N ASN D 23 16.42 56.66 -22.72
CA ASN D 23 15.68 57.86 -22.94
C ASN D 23 15.90 58.32 -24.36
N ALA D 24 17.12 58.70 -24.66
CA ALA D 24 17.44 59.32 -25.95
C ALA D 24 16.82 58.62 -27.15
N ILE D 25 16.76 57.30 -27.09
CA ILE D 25 16.12 56.52 -28.15
C ILE D 25 14.59 56.72 -28.10
N ALA D 26 14.00 56.57 -26.92
CA ALA D 26 12.56 56.76 -26.72
C ALA D 26 12.13 58.18 -27.11
N LEU D 27 13.07 59.13 -27.05
CA LEU D 27 12.79 60.49 -27.48
C LEU D 27 12.54 60.47 -28.98
N LYS D 28 13.42 59.79 -29.71
CA LYS D 28 13.28 59.67 -31.16
C LYS D 28 12.07 58.83 -31.58
N LEU D 29 11.66 57.89 -30.72
CA LEU D 29 10.46 57.11 -30.99
C LEU D 29 9.21 57.96 -30.95
N ARG D 30 9.13 58.78 -29.93
CA ARG D 30 8.06 59.75 -29.78
C ARG D 30 8.19 60.73 -30.91
N GLU D 31 9.43 60.98 -31.28
CA GLU D 31 9.79 62.00 -32.24
C GLU D 31 9.41 61.64 -33.66
N ASP D 32 9.81 60.47 -34.11
CA ASP D 32 9.48 60.06 -35.44
C ASP D 32 8.38 59.01 -35.36
N ASP D 33 7.13 59.46 -35.41
CA ASP D 33 5.99 58.55 -35.33
C ASP D 33 5.26 58.47 -36.67
N GLU D 34 5.85 59.11 -37.66
CA GLU D 34 5.30 59.20 -39.00
C GLU D 34 5.75 58.04 -39.86
N TYR D 35 6.42 57.08 -39.23
CA TYR D 35 7.07 55.98 -39.91
C TYR D 35 6.10 54.97 -40.42
N ASP D 36 6.28 54.58 -41.65
CA ASP D 36 5.49 53.44 -42.10
C ASP D 36 4.01 53.65 -41.78
N ASN D 37 3.45 54.72 -42.34
CA ASN D 37 2.06 55.10 -42.11
C ASN D 37 1.69 55.14 -40.63
N TYR D 38 2.50 55.86 -39.87
CA TYR D 38 2.25 56.14 -38.44
C TYR D 38 2.20 54.93 -37.52
N ILE D 39 2.87 53.85 -37.92
CA ILE D 39 3.06 52.71 -37.05
C ILE D 39 4.23 53.00 -36.09
N GLY D 40 5.23 53.72 -36.59
CA GLY D 40 6.40 54.04 -35.79
C GLY D 40 7.53 53.06 -36.03
N TYR D 41 8.68 53.33 -35.40
CA TYR D 41 9.87 52.50 -35.56
C TYR D 41 9.96 51.32 -34.58
N GLY D 42 8.98 51.17 -33.70
CA GLY D 42 9.01 50.15 -32.67
C GLY D 42 9.32 48.72 -33.11
N PRO D 43 8.44 48.13 -33.92
CA PRO D 43 8.59 46.76 -34.42
C PRO D 43 9.90 46.54 -35.15
N VAL D 44 10.30 47.46 -36.02
CA VAL D 44 11.53 47.23 -36.78
C VAL D 44 12.73 47.16 -35.84
N LEU D 45 12.64 47.81 -34.68
CA LEU D 45 13.76 47.77 -33.72
C LEU D 45 13.86 46.45 -32.95
N VAL D 46 12.71 45.85 -32.65
CA VAL D 46 12.63 44.59 -31.95
C VAL D 46 13.06 43.46 -32.84
N ARG D 47 12.73 43.58 -34.10
CA ARG D 47 13.11 42.63 -35.14
C ARG D 47 14.63 42.63 -35.33
N LEU D 48 15.18 43.84 -35.33
CA LEU D 48 16.61 44.07 -35.49
C LEU D 48 17.42 43.35 -34.40
N ALA D 49 16.94 43.47 -33.16
CA ALA D 49 17.57 42.81 -32.02
C ALA D 49 17.58 41.28 -32.18
N TRP D 50 16.47 40.75 -32.66
CA TRP D 50 16.34 39.32 -32.92
C TRP D 50 17.28 38.88 -34.07
N HIS D 51 17.39 39.70 -35.11
CA HIS D 51 18.28 39.36 -36.23
C HIS D 51 19.76 39.46 -35.96
N THR D 52 20.16 40.39 -35.10
CA THR D 52 21.59 40.49 -34.76
C THR D 52 21.94 39.39 -33.76
N SER D 53 20.95 38.92 -33.00
CA SER D 53 21.16 37.86 -32.02
C SER D 53 21.01 36.48 -32.61
N GLY D 54 20.13 36.34 -33.60
CA GLY D 54 19.78 35.04 -34.16
C GLY D 54 20.76 34.35 -35.10
N THR D 55 21.91 34.98 -35.34
CA THR D 55 22.99 34.42 -36.14
C THR D 55 23.88 33.46 -35.33
N TRP D 56 23.52 33.26 -34.07
CA TRP D 56 24.37 32.51 -33.16
C TRP D 56 24.39 31.02 -33.47
N ASP D 57 25.56 30.40 -33.33
CA ASP D 57 25.68 28.95 -33.47
C ASP D 57 26.28 28.39 -32.19
N LYS D 58 25.52 27.58 -31.45
CA LYS D 58 25.95 27.06 -30.15
C LYS D 58 27.12 26.06 -30.25
N HIS D 59 27.31 25.44 -31.41
CA HIS D 59 28.40 24.48 -31.63
C HIS D 59 29.80 25.13 -31.63
N ASP D 60 29.93 26.34 -32.19
CA ASP D 60 31.26 26.95 -32.38
C ASP D 60 31.32 28.37 -31.84
N ASN D 61 30.23 28.82 -31.22
CA ASN D 61 30.09 30.17 -30.66
C ASN D 61 30.30 31.36 -31.64
N THR D 62 30.11 31.15 -32.94
CA THR D 62 30.10 32.26 -33.91
C THR D 62 28.74 32.99 -33.96
N GLY D 63 28.78 34.24 -34.42
CA GLY D 63 27.61 35.09 -34.47
C GLY D 63 27.14 35.47 -33.08
N GLY D 64 25.93 36.00 -33.00
CA GLY D 64 25.37 36.50 -31.75
C GLY D 64 25.54 38.00 -31.59
N SER D 65 24.89 38.55 -30.58
CA SER D 65 24.82 40.00 -30.39
C SER D 65 26.11 40.66 -29.94
N TYR D 66 27.04 39.85 -29.40
CA TYR D 66 28.28 40.38 -28.78
C TYR D 66 29.02 41.40 -29.64
N GLY D 67 29.46 40.97 -30.83
CA GLY D 67 30.36 41.74 -31.67
C GLY D 67 29.81 42.96 -32.41
N GLY D 68 28.49 43.12 -32.41
CA GLY D 68 27.85 44.19 -33.18
C GLY D 68 28.20 44.15 -34.66
N THR D 69 28.29 42.97 -35.26
CA THR D 69 28.77 42.84 -36.64
C THR D 69 27.75 43.23 -37.72
N TYR D 70 26.51 43.45 -37.31
CA TYR D 70 25.45 43.87 -38.24
C TYR D 70 25.78 45.15 -39.00
N ARG D 71 26.61 46.00 -38.38
CA ARG D 71 27.06 47.23 -39.01
C ARG D 71 27.97 46.97 -40.22
N PHE D 72 28.49 45.75 -40.34
CA PHE D 72 29.35 45.45 -41.46
C PHE D 72 28.49 45.11 -42.66
N LYS D 73 29.04 45.43 -43.84
CA LYS D 73 28.34 45.34 -45.11
C LYS D 73 27.63 43.99 -45.32
N LYS D 74 28.36 42.89 -45.23
CA LYS D 74 27.80 41.56 -45.52
C LYS D 74 26.57 41.21 -44.69
N GLU D 75 26.65 41.42 -43.38
CA GLU D 75 25.49 41.17 -42.52
C GLU D 75 24.43 42.23 -42.81
N PHE D 76 24.86 43.47 -43.08
CA PHE D 76 23.95 44.57 -43.37
C PHE D 76 23.09 44.31 -44.62
N ASN D 77 23.71 43.73 -45.64
CA ASN D 77 23.10 43.50 -46.96
C ASN D 77 22.45 42.12 -47.10
N ASP D 78 22.39 41.38 -46.00
CA ASP D 78 21.79 40.04 -45.91
C ASP D 78 20.31 40.11 -46.33
N PRO D 79 19.93 39.32 -47.36
CA PRO D 79 18.53 39.25 -47.81
C PRO D 79 17.53 39.01 -46.67
N SER D 80 17.93 38.26 -45.64
CA SER D 80 17.03 38.05 -44.49
C SER D 80 16.80 39.31 -43.65
N ASN D 81 17.67 40.29 -43.83
CA ASN D 81 17.65 41.53 -43.05
C ASN D 81 17.07 42.75 -43.77
N ALA D 82 16.38 42.52 -44.89
CA ALA D 82 15.82 43.59 -45.71
C ALA D 82 14.77 44.41 -44.94
N GLY D 83 14.96 45.73 -44.94
CA GLY D 83 14.04 46.60 -44.23
C GLY D 83 14.50 46.99 -42.84
N LEU D 84 15.49 46.26 -42.32
CA LEU D 84 16.02 46.55 -41.00
C LEU D 84 16.94 47.75 -41.07
N GLN D 85 17.37 48.08 -42.29
CA GLN D 85 18.20 49.25 -42.52
C GLN D 85 17.53 50.52 -42.01
N ASN D 86 16.20 50.52 -42.03
CA ASN D 86 15.40 51.61 -41.47
C ASN D 86 15.72 51.83 -39.99
N GLY D 87 15.84 50.73 -39.23
CA GLY D 87 16.16 50.83 -37.82
C GLY D 87 17.59 51.33 -37.57
N PHE D 88 18.51 50.92 -38.44
CA PHE D 88 19.89 51.33 -38.32
C PHE D 88 20.06 52.85 -38.41
N LYS D 89 19.50 53.45 -39.47
CA LYS D 89 19.57 54.90 -39.69
C LYS D 89 18.85 55.65 -38.59
N PHE D 90 17.83 55.02 -38.01
CA PHE D 90 17.14 55.58 -36.87
C PHE D 90 18.09 55.70 -35.68
N LEU D 91 18.89 54.66 -35.46
CA LEU D 91 19.78 54.60 -34.31
C LEU D 91 21.08 55.38 -34.56
N GLU D 92 21.29 55.79 -35.81
CA GLU D 92 22.57 56.41 -36.20
C GLU D 92 22.85 57.80 -35.59
N PRO D 93 21.85 58.69 -35.51
CA PRO D 93 22.12 59.93 -34.75
C PRO D 93 22.38 59.66 -33.26
N ILE D 94 21.91 58.54 -32.75
CA ILE D 94 22.13 58.24 -31.35
C ILE D 94 23.50 57.63 -31.16
N HIS D 95 24.07 57.16 -32.25
CA HIS D 95 25.42 56.68 -32.26
C HIS D 95 26.32 57.85 -31.98
N LYS D 96 26.06 58.96 -32.66
CA LYS D 96 26.89 60.17 -32.49
C LYS D 96 26.54 60.97 -31.23
N GLU D 97 25.29 60.86 -30.78
CA GLU D 97 24.84 61.55 -29.57
C GLU D 97 25.49 60.94 -28.34
N PHE D 98 25.58 59.61 -28.32
CA PHE D 98 26.27 58.88 -27.25
C PHE D 98 27.33 57.99 -27.88
N PRO D 99 28.39 58.59 -28.45
CA PRO D 99 29.38 57.83 -29.24
C PRO D 99 30.22 56.82 -28.45
N TRP D 100 29.92 56.58 -27.19
CA TRP D 100 30.71 55.67 -26.38
C TRP D 100 30.08 54.32 -26.23
N ILE D 101 28.79 54.24 -26.55
CA ILE D 101 28.07 52.96 -26.43
C ILE D 101 28.45 51.96 -27.53
N SER D 102 28.52 50.69 -27.14
CA SER D 102 28.90 49.64 -28.06
C SER D 102 27.74 49.32 -29.03
N SER D 103 28.09 48.87 -30.24
CA SER D 103 27.08 48.55 -31.24
C SER D 103 26.13 47.48 -30.73
N GLY D 104 26.73 46.39 -30.25
CA GLY D 104 25.99 45.28 -29.67
C GLY D 104 25.01 45.70 -28.58
N ASP D 105 25.48 46.48 -27.62
CA ASP D 105 24.61 46.94 -26.53
C ASP D 105 23.50 47.85 -27.08
N LEU D 106 23.85 48.69 -28.07
CA LEU D 106 22.89 49.61 -28.71
C LEU D 106 21.75 48.89 -29.46
N PHE D 107 22.13 47.91 -30.29
CA PHE D 107 21.14 47.11 -31.00
C PHE D 107 20.20 46.42 -30.01
N SER D 108 20.74 45.75 -29.00
CA SER D 108 19.93 45.00 -28.06
C SER D 108 19.07 45.88 -27.17
N LEU D 109 19.64 46.99 -26.73
CA LEU D 109 18.93 47.94 -25.89
C LEU D 109 17.76 48.50 -26.70
N GLY D 110 18.00 48.76 -27.98
CA GLY D 110 16.98 49.27 -28.87
C GLY D 110 15.77 48.35 -28.95
N GLY D 111 15.99 47.06 -28.84
CA GLY D 111 14.89 46.12 -28.88
C GLY D 111 14.16 46.13 -27.54
N VAL D 112 14.94 46.14 -26.46
CA VAL D 112 14.42 46.19 -25.10
C VAL D 112 13.65 47.50 -24.81
N THR D 113 14.21 48.64 -25.19
CA THR D 113 13.56 49.94 -25.01
C THR D 113 12.19 49.90 -25.68
N ALA D 114 12.16 49.40 -26.91
CA ALA D 114 10.94 49.33 -27.70
C ALA D 114 9.83 48.47 -27.06
N VAL D 115 10.20 47.32 -26.52
CA VAL D 115 9.21 46.42 -25.91
C VAL D 115 8.57 47.08 -24.70
N GLN D 116 9.40 47.74 -23.89
CA GLN D 116 8.93 48.43 -22.69
C GLN D 116 8.11 49.68 -23.02
N GLU D 117 8.59 50.48 -23.99
CA GLU D 117 7.90 51.69 -24.44
C GLU D 117 6.59 51.36 -25.19
N MET D 118 6.50 50.13 -25.71
CA MET D 118 5.26 49.70 -26.36
C MET D 118 4.44 48.91 -25.35
N GLN D 119 4.75 49.14 -24.07
CA GLN D 119 3.93 48.67 -22.96
C GLN D 119 3.95 47.15 -22.74
N GLY D 120 5.04 46.53 -23.13
CA GLY D 120 5.22 45.10 -22.95
C GLY D 120 5.85 44.85 -21.59
N PRO D 121 6.27 43.60 -21.34
CA PRO D 121 6.87 43.24 -20.05
C PRO D 121 8.23 43.92 -19.82
N LYS D 122 8.75 43.80 -18.60
CA LYS D 122 10.06 44.33 -18.26
C LYS D 122 11.18 43.38 -18.70
N ILE D 123 12.26 43.91 -19.29
CA ILE D 123 13.36 43.05 -19.72
C ILE D 123 14.73 43.28 -19.05
N PRO D 124 15.19 42.30 -18.25
CA PRO D 124 16.55 42.33 -17.71
C PRO D 124 17.56 42.37 -18.87
N TRP D 125 18.48 43.33 -18.83
CA TRP D 125 19.43 43.53 -19.91
C TRP D 125 20.82 43.77 -19.35
N ARG D 126 21.82 43.20 -20.01
CA ARG D 126 23.20 43.33 -19.56
C ARG D 126 24.10 44.04 -20.56
N CYS D 127 25.09 44.74 -20.02
CA CYS D 127 26.09 45.40 -20.83
C CYS D 127 27.34 44.52 -20.89
N GLY D 128 28.30 44.92 -21.72
CA GLY D 128 29.56 44.22 -21.80
C GLY D 128 29.88 43.75 -23.21
N ARG D 129 29.00 44.07 -24.16
CA ARG D 129 29.24 43.64 -25.53
C ARG D 129 30.36 44.49 -26.14
N VAL D 130 31.27 43.86 -26.85
CA VAL D 130 32.42 44.56 -27.40
C VAL D 130 32.49 44.39 -28.92
N ASP D 131 32.62 45.51 -29.61
CA ASP D 131 32.75 45.50 -31.07
C ASP D 131 33.93 44.65 -31.51
N THR D 132 33.67 43.79 -32.49
CA THR D 132 34.69 42.90 -33.02
C THR D 132 34.98 43.19 -34.51
N PRO D 133 36.13 42.73 -35.03
CA PRO D 133 36.45 43.08 -36.42
C PRO D 133 35.58 42.42 -37.49
N GLU D 134 35.72 42.93 -38.70
CA GLU D 134 34.96 42.47 -39.86
C GLU D 134 34.98 40.97 -40.16
N ASP D 135 36.11 40.29 -39.98
CA ASP D 135 36.16 38.86 -40.26
C ASP D 135 35.32 38.03 -39.27
N THR D 136 34.87 38.66 -38.18
CA THR D 136 34.03 37.98 -37.19
C THR D 136 32.55 38.03 -37.55
N THR D 137 32.24 38.76 -38.62
CA THR D 137 30.89 38.86 -39.13
C THR D 137 30.51 37.51 -39.74
N PRO D 138 29.36 36.95 -39.30
CA PRO D 138 28.82 35.69 -39.80
C PRO D 138 28.23 35.79 -41.21
N ASP D 139 28.38 34.70 -41.94
CA ASP D 139 27.85 34.57 -43.29
C ASP D 139 26.33 34.66 -43.33
N ASN D 140 25.79 35.00 -44.50
CA ASN D 140 24.36 34.99 -44.74
C ASN D 140 23.82 33.56 -44.73
N GLY D 141 22.56 33.40 -44.38
CA GLY D 141 21.89 32.12 -44.43
C GLY D 141 21.55 31.47 -43.09
N ARG D 142 21.81 32.19 -42.01
CA ARG D 142 21.59 31.71 -40.65
C ARG D 142 20.25 32.07 -40.00
N LEU D 143 19.51 32.99 -40.59
CA LEU D 143 18.20 33.32 -40.06
C LEU D 143 17.20 32.34 -40.69
N PRO D 144 16.03 32.14 -40.05
CA PRO D 144 15.17 31.03 -40.50
C PRO D 144 14.28 31.34 -41.70
N ASP D 145 13.93 30.33 -42.47
CA ASP D 145 12.94 30.50 -43.54
C ASP D 145 11.51 30.57 -43.01
N ALA D 146 10.68 31.41 -43.62
CA ALA D 146 9.28 31.57 -43.18
C ALA D 146 8.31 30.60 -43.88
N ASP D 147 8.80 29.76 -44.79
CA ASP D 147 7.95 28.92 -45.61
C ASP D 147 7.87 27.46 -45.14
N LYS D 148 8.22 27.19 -43.88
CA LYS D 148 8.42 25.79 -43.46
C LYS D 148 7.47 25.36 -42.34
N ASP D 149 7.61 24.13 -41.88
CA ASP D 149 6.68 23.55 -40.89
C ASP D 149 7.19 23.54 -39.45
N ALA D 150 6.40 23.03 -38.55
CA ALA D 150 6.77 23.03 -37.16
C ALA D 150 7.99 22.19 -36.89
N ASP D 151 8.29 21.27 -37.78
CA ASP D 151 9.40 20.40 -37.59
C ASP D 151 10.73 21.03 -38.02
N TYR D 152 10.68 21.96 -38.94
CA TYR D 152 11.86 22.72 -39.29
C TYR D 152 12.09 23.72 -38.19
N VAL D 153 11.03 24.35 -37.74
CA VAL D 153 11.11 25.33 -36.67
C VAL D 153 11.75 24.73 -35.43
N ARG D 154 11.33 23.51 -35.10
CA ARG D 154 11.82 22.89 -33.89
C ARG D 154 13.31 22.65 -33.97
N THR D 155 13.79 22.00 -35.01
CA THR D 155 15.20 21.78 -35.30
C THR D 155 15.99 23.07 -35.38
N PHE D 156 15.41 24.08 -35.96
CA PHE D 156 16.08 25.37 -36.17
C PHE D 156 16.52 26.02 -34.88
N PHE D 157 15.59 26.13 -33.94
CA PHE D 157 15.87 26.85 -32.72
C PHE D 157 16.76 26.06 -31.76
N GLN D 158 16.97 24.78 -32.05
CA GLN D 158 17.91 23.97 -31.27
C GLN D 158 19.32 24.51 -31.45
N ARG D 159 19.57 25.13 -32.60
CA ARG D 159 20.87 25.73 -32.87
C ARG D 159 21.09 26.94 -31.98
N LEU D 160 19.98 27.59 -31.58
CA LEU D 160 20.04 28.75 -30.71
C LEU D 160 19.83 28.37 -29.24
N ASN D 161 19.75 27.07 -28.99
CA ASN D 161 19.54 26.52 -27.65
C ASN D 161 18.21 26.98 -27.02
N MET D 162 17.13 26.87 -27.79
CA MET D 162 15.80 27.29 -27.35
C MET D 162 14.80 26.13 -27.35
N ASN D 163 14.00 26.01 -26.29
CA ASN D 163 13.02 24.92 -26.25
C ASN D 163 11.61 25.36 -26.65
N ASP D 164 10.69 24.41 -26.71
CA ASP D 164 9.32 24.60 -27.21
C ASP D 164 8.64 25.79 -26.56
N ARG D 165 8.81 25.95 -25.25
CA ARG D 165 8.20 27.07 -24.53
C ARG D 165 8.82 28.41 -24.93
N GLU D 166 10.13 28.39 -25.12
CA GLU D 166 10.87 29.59 -25.48
C GLU D 166 10.58 30.13 -26.89
N VAL D 167 10.44 29.24 -27.86
CA VAL D 167 10.21 29.75 -29.21
C VAL D 167 8.80 30.32 -29.32
N VAL D 168 7.82 29.70 -28.64
CA VAL D 168 6.44 30.22 -28.69
C VAL D 168 6.33 31.60 -28.03
N ALA D 169 7.00 31.79 -26.90
CA ALA D 169 6.97 33.09 -26.24
C ALA D 169 7.64 34.13 -27.13
N LEU D 170 8.77 33.75 -27.74
CA LEU D 170 9.47 34.66 -28.65
C LEU D 170 8.63 35.07 -29.88
N MET D 171 7.88 34.12 -30.43
CA MET D 171 7.13 34.40 -31.65
C MET D 171 6.00 35.39 -31.40
N GLY D 172 5.64 35.56 -30.12
CA GLY D 172 4.62 36.50 -29.74
C GLY D 172 4.95 37.91 -30.15
N ALA D 173 6.22 38.17 -30.46
CA ALA D 173 6.63 39.50 -30.89
C ALA D 173 5.97 39.92 -32.21
N HIS D 174 5.34 38.95 -32.89
CA HIS D 174 4.68 39.17 -34.18
C HIS D 174 3.34 39.89 -34.07
N ALA D 175 2.96 40.30 -32.87
CA ALA D 175 1.87 41.25 -32.73
C ALA D 175 2.37 42.62 -33.22
N LEU D 176 3.68 42.81 -33.21
CA LEU D 176 4.25 44.09 -33.62
C LEU D 176 4.53 44.14 -35.10
N GLY D 177 4.18 45.27 -35.71
CA GLY D 177 4.54 45.58 -37.09
C GLY D 177 3.79 44.81 -38.17
N LYS D 178 4.46 44.64 -39.30
CA LYS D 178 3.85 43.98 -40.45
C LYS D 178 4.90 43.37 -41.40
N THR D 179 4.41 42.58 -42.35
CA THR D 179 5.28 42.06 -43.38
C THR D 179 5.20 43.04 -44.55
N HIS D 180 6.30 43.21 -45.26
CA HIS D 180 6.36 44.12 -46.40
C HIS D 180 6.80 43.35 -47.63
N LEU D 181 5.91 43.30 -48.62
CA LEU D 181 6.13 42.54 -49.84
C LEU D 181 7.53 42.75 -50.43
N LYS D 182 8.02 43.98 -50.39
CA LYS D 182 9.32 44.30 -50.97
C LYS D 182 10.52 43.88 -50.10
N ASN D 183 10.28 43.67 -48.81
CA ASN D 183 11.33 43.20 -47.90
C ASN D 183 11.46 41.66 -47.86
N SER D 184 10.34 40.98 -47.69
CA SER D 184 10.36 39.54 -47.38
C SER D 184 9.60 38.61 -48.35
N GLY D 185 8.75 39.17 -49.20
CA GLY D 185 7.89 38.37 -50.07
C GLY D 185 6.59 37.99 -49.39
N TYR D 186 6.20 38.81 -48.42
CA TYR D 186 4.98 38.64 -47.63
C TYR D 186 4.29 39.99 -47.35
N GLU D 187 2.95 39.99 -47.33
CA GLU D 187 2.21 41.23 -47.11
C GLU D 187 1.17 41.13 -46.00
N GLY D 188 1.09 42.18 -45.18
CA GLY D 188 0.07 42.26 -44.16
C GLY D 188 0.54 42.24 -42.71
N PRO D 189 -0.32 42.73 -41.80
CA PRO D 189 -0.05 42.61 -40.37
C PRO D 189 -0.62 41.30 -39.83
N TRP D 190 -0.14 40.92 -38.65
CA TRP D 190 -0.68 39.76 -37.96
C TRP D 190 -1.84 40.22 -37.09
N GLY D 191 -1.93 41.53 -36.87
CA GLY D 191 -2.93 42.12 -35.99
C GLY D 191 -3.27 43.59 -36.24
N ALA D 192 -4.07 44.17 -35.35
CA ALA D 192 -4.54 45.55 -35.50
C ALA D 192 -3.69 46.57 -34.75
N ALA D 193 -3.39 46.27 -33.48
CA ALA D 193 -2.56 47.14 -32.68
C ALA D 193 -1.08 46.84 -32.95
N ASN D 194 -0.59 47.39 -34.06
CA ASN D 194 0.74 47.06 -34.53
C ASN D 194 1.81 47.52 -33.58
N ASN D 195 1.54 48.58 -32.84
CA ASN D 195 2.61 49.19 -32.05
C ASN D 195 2.45 49.24 -30.54
N VAL D 196 1.64 48.33 -30.00
CA VAL D 196 1.64 48.12 -28.55
C VAL D 196 1.84 46.62 -28.33
N PHE D 197 2.71 46.27 -27.38
CA PHE D 197 3.06 44.86 -27.14
C PHE D 197 1.95 44.17 -26.35
N THR D 198 1.25 43.24 -26.98
CA THR D 198 0.14 42.54 -26.32
C THR D 198 0.22 41.07 -26.66
N ASN D 199 -0.77 40.31 -26.19
CA ASN D 199 -0.87 38.91 -26.60
C ASN D 199 -1.88 38.71 -27.79
N GLU D 200 -2.08 39.79 -28.55
CA GLU D 200 -2.99 39.81 -29.69
C GLU D 200 -2.57 38.79 -30.76
N PHE D 201 -1.28 38.45 -30.79
CA PHE D 201 -0.77 37.43 -31.72
C PHE D 201 -1.47 36.10 -31.44
N TYR D 202 -1.50 35.73 -30.17
CA TYR D 202 -2.11 34.50 -29.74
C TYR D 202 -3.62 34.57 -29.88
N LEU D 203 -4.18 35.73 -29.61
CA LEU D 203 -5.61 35.94 -29.75
C LEU D 203 -6.08 35.69 -31.17
N ASN D 204 -5.53 36.45 -32.12
CA ASN D 204 -5.88 36.35 -33.53
C ASN D 204 -5.67 34.93 -34.11
N LEU D 205 -4.61 34.28 -33.65
CA LEU D 205 -4.24 32.98 -34.19
C LEU D 205 -5.37 31.97 -33.94
N LEU D 206 -5.98 32.03 -32.76
CA LEU D 206 -7.00 31.04 -32.35
C LEU D 206 -8.45 31.49 -32.48
N ASN D 207 -8.66 32.76 -32.82
CA ASN D 207 -10.01 33.31 -32.78
C ASN D 207 -10.43 33.67 -34.18
N GLU D 208 -9.48 33.99 -35.05
CA GLU D 208 -9.85 34.33 -36.43
C GLU D 208 -9.96 33.09 -37.27
N ASP D 209 -10.61 33.26 -38.40
CA ASP D 209 -10.78 32.23 -39.41
C ASP D 209 -9.78 32.41 -40.55
N TRP D 210 -8.85 31.46 -40.65
CA TRP D 210 -7.74 31.53 -41.59
C TRP D 210 -7.93 30.63 -42.81
N LYS D 211 -7.58 31.13 -43.99
CA LYS D 211 -7.56 30.33 -45.22
C LYS D 211 -6.18 30.48 -45.88
N LEU D 212 -5.66 29.41 -46.45
CA LEU D 212 -4.34 29.40 -47.07
C LEU D 212 -4.39 29.95 -48.48
N GLU D 213 -3.60 30.97 -48.74
CA GLU D 213 -3.55 31.64 -50.04
C GLU D 213 -2.13 31.93 -50.50
N LYS D 214 -1.95 32.13 -51.81
CA LYS D 214 -0.69 32.56 -52.37
C LYS D 214 -0.75 34.06 -52.63
N ASN D 215 0.32 34.80 -52.30
CA ASN D 215 0.36 36.25 -52.58
C ASN D 215 0.95 36.57 -53.96
N ASP D 216 1.14 37.86 -54.25
CA ASP D 216 1.65 38.29 -55.56
C ASP D 216 3.11 37.97 -55.73
N ALA D 217 3.82 37.75 -54.63
CA ALA D 217 5.23 37.35 -54.65
C ALA D 217 5.31 35.83 -54.73
N ASN D 218 4.14 35.23 -54.93
CA ASN D 218 3.94 33.80 -55.11
C ASN D 218 4.30 32.88 -53.93
N ASN D 219 4.29 33.42 -52.72
CA ASN D 219 4.44 32.55 -51.57
C ASN D 219 3.12 32.29 -50.92
N GLU D 220 3.00 31.16 -50.22
CA GLU D 220 1.78 30.96 -49.46
C GLU D 220 1.78 31.68 -48.09
N GLN D 221 0.63 32.24 -47.74
CA GLN D 221 0.42 32.75 -46.39
C GLN D 221 -1.03 32.51 -45.93
N TRP D 222 -1.23 32.50 -44.62
CA TRP D 222 -2.58 32.37 -44.07
C TRP D 222 -3.24 33.75 -43.86
N ASP D 223 -4.43 33.90 -44.43
CA ASP D 223 -5.17 35.16 -44.41
C ASP D 223 -6.48 35.11 -43.62
N SER D 224 -6.81 36.25 -43.00
CA SER D 224 -8.02 36.41 -42.19
C SER D 224 -9.01 37.35 -42.83
N LYS D 225 -10.26 37.24 -42.40
CA LYS D 225 -11.32 38.13 -42.85
C LYS D 225 -11.09 39.57 -42.39
N SER D 226 -10.49 39.70 -41.20
CA SER D 226 -10.20 41.00 -40.60
C SER D 226 -9.09 41.76 -41.31
N GLY D 227 -8.35 41.06 -42.17
CA GLY D 227 -7.27 41.70 -42.90
C GLY D 227 -5.94 41.49 -42.22
N TYR D 228 -5.83 40.42 -41.44
CA TYR D 228 -4.58 40.05 -40.79
C TYR D 228 -3.92 38.96 -41.63
N MET D 229 -2.68 38.60 -41.29
CA MET D 229 -2.01 37.45 -41.93
C MET D 229 -1.15 36.61 -40.98
N MET D 230 -0.82 35.40 -41.38
CA MET D 230 0.11 34.59 -40.60
C MET D 230 1.03 33.82 -41.53
N LEU D 231 2.32 33.83 -41.22
CA LEU D 231 3.29 33.06 -41.99
C LEU D 231 3.08 31.58 -41.72
N PRO D 232 3.46 30.72 -42.68
CA PRO D 232 3.41 29.27 -42.47
C PRO D 232 4.06 28.82 -41.16
N THR D 233 5.13 29.47 -40.75
CA THR D 233 5.80 29.11 -39.53
C THR D 233 5.00 29.56 -38.31
N ASP D 234 4.35 30.71 -38.40
CA ASP D 234 3.45 31.15 -37.35
C ASP D 234 2.28 30.16 -37.19
N TYR D 235 1.64 29.79 -38.29
CA TYR D 235 0.45 28.97 -38.22
C TYR D 235 0.87 27.58 -37.73
N SER D 236 2.15 27.27 -37.90
CA SER D 236 2.66 25.94 -37.53
C SER D 236 2.59 25.73 -36.03
N LEU D 237 2.40 26.78 -35.28
CA LEU D 237 2.32 26.63 -33.86
C LEU D 237 0.97 26.15 -33.38
N ILE D 238 -0.01 26.02 -34.28
CA ILE D 238 -1.29 25.41 -33.92
C ILE D 238 -1.51 24.09 -34.64
N GLN D 239 -0.59 23.70 -35.52
CA GLN D 239 -0.66 22.41 -36.20
C GLN D 239 0.09 21.38 -35.37
N ASP D 240 0.92 21.89 -34.48
CA ASP D 240 1.67 21.08 -33.57
C ASP D 240 1.01 21.28 -32.26
N PRO D 241 0.71 20.21 -31.55
CA PRO D 241 -0.07 20.32 -30.32
C PRO D 241 0.62 21.12 -29.23
N LYS D 242 1.85 20.74 -28.95
CA LYS D 242 2.62 21.31 -27.86
C LYS D 242 2.65 22.77 -28.05
N TYR D 243 2.91 23.16 -29.28
CA TYR D 243 2.93 24.58 -29.57
C TYR D 243 1.54 25.15 -29.29
N LEU D 244 0.51 24.41 -29.65
CA LEU D 244 -0.87 24.89 -29.51
C LEU D 244 -1.20 25.30 -28.07
N SER D 245 -0.90 24.40 -27.14
CA SER D 245 -1.25 24.61 -25.73
C SER D 245 -0.49 25.75 -25.06
N ILE D 246 0.69 26.07 -25.59
CA ILE D 246 1.47 27.17 -25.05
C ILE D 246 0.89 28.45 -25.64
N VAL D 247 0.39 28.33 -26.87
CA VAL D 247 -0.37 29.40 -27.54
C VAL D 247 -1.70 29.63 -26.81
N LYS D 248 -2.39 28.54 -26.49
CA LYS D 248 -3.65 28.62 -25.76
C LYS D 248 -3.43 29.36 -24.44
N GLU D 249 -2.32 29.02 -23.78
CA GLU D 249 -1.95 29.59 -22.49
C GLU D 249 -1.75 31.11 -22.51
N TYR D 250 -1.09 31.60 -23.56
CA TYR D 250 -0.73 33.02 -23.64
C TYR D 250 -1.83 33.99 -24.04
N ALA D 251 -2.84 33.52 -24.77
CA ALA D 251 -3.94 34.42 -25.14
C ALA D 251 -4.82 34.59 -23.94
N ASN D 252 -4.83 33.59 -23.08
CA ASN D 252 -5.61 33.68 -21.85
C ASN D 252 -4.91 34.52 -20.78
N ASP D 253 -3.58 34.53 -20.80
CA ASP D 253 -2.83 35.17 -19.73
C ASP D 253 -1.71 36.09 -20.24
N GLN D 254 -2.05 37.35 -20.49
CA GLN D 254 -1.07 38.34 -20.95
C GLN D 254 0.04 38.50 -19.90
N ASP D 255 -0.26 38.15 -18.65
CA ASP D 255 0.74 38.23 -17.56
C ASP D 255 1.75 37.08 -17.62
N LYS D 256 1.32 35.88 -17.98
CA LYS D 256 2.29 34.82 -18.11
C LYS D 256 3.11 35.13 -19.35
N PHE D 257 2.44 35.21 -20.49
CA PHE D 257 3.15 35.48 -21.74
C PHE D 257 4.26 36.52 -21.50
N PHE D 258 3.90 37.59 -20.80
CA PHE D 258 4.84 38.68 -20.52
C PHE D 258 6.08 38.19 -19.79
N LYS D 259 5.90 37.32 -18.80
CA LYS D 259 7.02 36.83 -18.01
C LYS D 259 7.92 35.86 -18.77
N ASP D 260 7.32 34.90 -19.46
CA ASP D 260 8.10 33.93 -20.23
C ASP D 260 8.85 34.56 -21.41
N PHE D 261 8.24 35.54 -22.07
CA PHE D 261 8.89 36.23 -23.15
C PHE D 261 10.14 36.93 -22.63
N SER D 262 10.04 37.38 -21.38
CA SER D 262 11.15 38.09 -20.75
C SER D 262 12.40 37.20 -20.61
N LYS D 263 12.24 35.98 -20.09
CA LYS D 263 13.39 35.08 -19.97
C LYS D 263 13.97 34.72 -21.33
N ALA D 264 13.09 34.53 -22.31
CA ALA D 264 13.53 34.09 -23.63
C ALA D 264 14.15 35.22 -24.48
N PHE D 265 13.69 36.45 -24.29
CA PHE D 265 14.24 37.57 -25.03
C PHE D 265 15.62 37.89 -24.50
N GLU D 266 15.79 37.75 -23.18
CA GLU D 266 17.09 37.99 -22.56
C GLU D 266 18.11 36.92 -22.99
N LYS D 267 17.75 35.66 -22.78
CA LYS D 267 18.63 34.55 -23.13
C LYS D 267 19.02 34.61 -24.61
N LEU D 268 18.13 35.10 -25.45
CA LEU D 268 18.42 35.20 -26.87
C LEU D 268 19.43 36.28 -27.09
N LEU D 269 19.22 37.39 -26.42
CA LEU D 269 20.09 38.55 -26.61
C LEU D 269 21.45 38.32 -25.95
N GLU D 270 21.53 37.33 -25.06
CA GLU D 270 22.76 37.08 -24.30
C GLU D 270 23.56 35.87 -24.78
N ASN D 271 22.99 35.09 -25.68
CA ASN D 271 23.67 33.94 -26.26
C ASN D 271 25.07 34.31 -26.73
N GLY D 272 26.04 33.46 -26.37
CA GLY D 272 27.42 33.65 -26.76
C GLY D 272 28.23 34.45 -25.76
N ILE D 273 27.55 35.09 -24.81
CA ILE D 273 28.22 35.94 -23.82
C ILE D 273 28.47 35.26 -22.47
N THR D 274 29.73 35.32 -22.04
CA THR D 274 30.17 34.92 -20.71
C THR D 274 30.31 36.13 -19.76
N PHE D 275 29.63 36.07 -18.62
CA PHE D 275 29.72 37.14 -17.64
C PHE D 275 30.64 36.80 -16.45
N PRO D 276 31.67 37.64 -16.22
CA PRO D 276 32.56 37.52 -15.04
C PRO D 276 31.75 37.77 -13.77
N LYS D 277 32.14 37.19 -12.64
CA LYS D 277 31.27 37.25 -11.46
C LYS D 277 31.26 38.63 -10.82
N ASP D 278 32.29 39.44 -11.09
CA ASP D 278 32.32 40.80 -10.57
C ASP D 278 31.70 41.79 -11.54
N ALA D 279 30.91 41.26 -12.48
CA ALA D 279 30.19 42.08 -13.46
C ALA D 279 28.93 42.59 -12.80
N PRO D 280 28.49 43.80 -13.20
CA PRO D 280 27.28 44.39 -12.60
C PRO D 280 26.06 43.50 -12.80
N SER D 281 25.24 43.40 -11.76
CA SER D 281 23.99 42.64 -11.81
C SER D 281 23.08 43.25 -12.89
N PRO D 282 22.20 42.42 -13.50
CA PRO D 282 21.27 42.84 -14.57
C PRO D 282 20.47 44.14 -14.29
N PHE D 283 20.41 45.01 -15.29
CA PHE D 283 19.73 46.30 -15.21
C PHE D 283 18.26 46.22 -15.60
N ILE D 284 17.38 46.78 -14.76
CA ILE D 284 15.98 46.97 -15.14
C ILE D 284 15.57 48.44 -15.29
N PHE D 285 15.38 48.90 -16.52
CA PHE D 285 15.05 50.31 -16.78
C PHE D 285 13.57 50.65 -16.53
N LYS D 286 13.30 51.94 -16.28
CA LYS D 286 11.93 52.41 -16.11
C LYS D 286 11.50 53.22 -17.33
N THR D 287 10.21 53.51 -17.45
CA THR D 287 9.71 54.27 -18.62
C THR D 287 9.75 55.83 -18.57
N LEU D 288 9.42 56.46 -19.69
CA LEU D 288 9.74 57.87 -19.94
C LEU D 288 9.00 58.95 -19.15
N GLU D 289 7.69 58.81 -18.98
CA GLU D 289 6.93 59.74 -18.16
C GLU D 289 7.27 59.56 -16.70
N GLU D 290 7.45 58.32 -16.29
CA GLU D 290 7.82 58.02 -14.91
C GLU D 290 9.08 58.83 -14.63
N GLN D 291 9.63 59.32 -15.75
CA GLN D 291 10.87 60.09 -15.89
C GLN D 291 10.54 61.52 -16.27
N GLY D 292 9.29 61.89 -16.07
CA GLY D 292 8.80 63.25 -16.12
C GLY D 292 8.83 63.94 -17.46
N LEU D 293 8.29 63.24 -18.42
CA LEU D 293 8.28 63.64 -19.82
C LEU D 293 7.02 63.17 -20.53
CHA HEM E . 23.02 7.81 -15.19
CHB HEM E . 23.01 3.30 -13.61
CHC HEM E . 19.38 4.35 -10.66
CHD HEM E . 19.81 8.92 -11.84
C1A HEM E . 23.34 6.50 -14.96
C2A HEM E . 24.37 5.84 -15.61
C3A HEM E . 24.35 4.58 -15.19
C4A HEM E . 23.34 4.46 -14.25
CMA HEM E . 25.30 3.50 -15.61
CAA HEM E . 25.32 6.41 -16.63
CBA HEM E . 26.45 7.23 -16.03
CGA HEM E . 27.48 7.57 -17.05
O1A HEM E . 27.69 6.82 -17.98
O2A HEM E . 28.13 8.59 -17.01
C1B HEM E . 21.97 3.24 -12.70
C2B HEM E . 21.60 2.04 -12.10
C3B HEM E . 20.58 2.31 -11.27
C4B HEM E . 20.35 3.72 -11.39
CMB HEM E . 22.22 0.70 -12.32
CAB HEM E . 19.84 1.37 -10.41
CBB HEM E . 19.38 0.20 -10.81
C1C HEM E . 19.28 5.70 -10.63
C2C HEM E . 18.62 6.43 -9.67
C3C HEM E . 18.76 7.73 -10.02
C4C HEM E . 19.50 7.78 -11.19
CMC HEM E . 17.89 5.92 -8.49
CAC HEM E . 18.24 8.91 -9.32
CBC HEM E . 17.17 8.82 -8.57
C1D HEM E . 20.70 8.93 -12.90
C2D HEM E . 20.98 10.14 -13.62
C3D HEM E . 21.87 9.86 -14.54
C4D HEM E . 22.12 8.45 -14.38
CMD HEM E . 20.36 11.47 -13.36
CAD HEM E . 22.43 10.84 -15.55
CBD HEM E . 23.85 11.29 -15.30
CGD HEM E . 24.35 12.25 -16.32
O1D HEM E . 25.51 12.58 -16.38
O2D HEM E . 23.58 12.73 -17.10
NA HEM E . 22.70 5.63 -14.13
NB HEM E . 21.21 4.21 -12.26
NC HEM E . 19.83 6.54 -11.52
ND HEM E . 21.40 7.93 -13.38
FE HEM E . 21.34 6.20 -12.84
N1 BZI F . 34.72 20.27 -0.27
C2 BZI F . 34.07 19.50 0.63
N3 BZI F . 32.77 19.41 0.28
C3A BZI F . 32.59 20.15 -0.88
C4 BZI F . 31.44 20.41 -1.68
C5 BZI F . 31.55 21.21 -2.81
C6 BZI F . 32.79 21.75 -3.17
C7 BZI F . 33.92 21.49 -2.38
C7A BZI F . 33.80 20.68 -1.23
CHA HEM G . -1.83 -14.66 8.80
CHB HEM G . -4.12 -18.76 7.90
CHC HEM G . -7.71 -16.26 5.83
CHD HEM G . -5.58 -12.17 7.19
C1A HEM G . -2.19 -15.97 8.78
C2A HEM G . -1.44 -16.97 9.39
C3A HEM G . -2.07 -18.12 9.12
C4A HEM G . -3.21 -17.84 8.37
CMA HEM G . -1.63 -19.48 9.56
CAA HEM G . -0.16 -16.80 10.17
CBA HEM G . -0.32 -16.53 11.67
CGA HEM G . 0.98 -16.22 12.40
O1A HEM G . 1.90 -16.98 12.42
O2A HEM G . 1.17 -15.19 13.01
C1B HEM G . -5.29 -18.40 7.23
C2B HEM G . -6.20 -19.35 6.75
C3B HEM G . -7.21 -18.68 6.16
C4B HEM G . -6.88 -17.27 6.30
CMB HEM G . -6.12 -20.84 6.86
CAB HEM G . -8.40 -19.26 5.54
CBB HEM G . -8.39 -20.14 4.55
C1C HEM G . -7.47 -14.91 6.12
C2C HEM G . -8.35 -13.86 5.87
C3C HEM G . -7.72 -12.71 6.27
C4C HEM G . -6.47 -13.08 6.74
CMC HEM G . -9.71 -13.98 5.28
CAC HEM G . -8.18 -11.31 6.24
CBC HEM G . -9.41 -10.99 5.99
C1D HEM G . -4.38 -12.59 7.69
C2D HEM G . -3.39 -11.61 8.10
C3D HEM G . -2.35 -12.29 8.55
C4D HEM G . -2.71 -13.68 8.40
CMD HEM G . -3.56 -10.13 8.02
CAD HEM G . -1.04 -11.76 9.06
CBD HEM G . -1.04 -11.05 10.41
CGD HEM G . 0.36 -10.84 10.84
O1D HEM G . 0.66 -10.81 12.01
O2D HEM G . 1.24 -10.68 10.02
NA HEM G . -3.29 -16.50 8.16
NB HEM G . -5.72 -17.17 6.93
NC HEM G . -6.33 -14.41 6.64
ND HEM G . -3.93 -13.83 7.87
FE HEM G . -4.75 -15.41 7.44
N1 BZI H . -11.33 -4.97 27.09
C2 BZI H . -12.57 -4.97 26.56
N3 BZI H . -12.48 -4.66 25.25
C3A BZI H . -11.15 -4.47 24.94
C4 BZI H . -10.49 -4.14 23.72
C5 BZI H . -9.11 -4.00 23.70
C6 BZI H . -8.37 -4.19 24.88
C7 BZI H . -9.01 -4.52 26.06
C7A BZI H . -10.43 -4.66 26.08
CHA HEM I . -19.18 -47.16 24.80
CHB HEM I . -15.64 -44.00 25.02
CHC HEM I . -16.90 -42.88 29.51
CHD HEM I . -20.89 -45.48 28.91
C1A HEM I . -18.14 -46.36 24.49
C2A HEM I . -17.59 -46.32 23.24
C3A HEM I . -16.57 -45.45 23.31
C4A HEM I . -16.54 -44.93 24.58
CMA HEM I . -15.63 -45.06 22.22
CAA HEM I . -18.01 -47.14 22.06
CBA HEM I . -19.15 -46.58 21.21
CGA HEM I . -19.46 -47.51 20.09
O1A HEM I . -18.63 -48.25 19.59
O2A HEM I . -20.56 -47.57 19.58
C1B HEM I . -15.67 -43.46 26.31
C2B HEM I . -14.72 -42.56 26.77
C3B HEM I . -15.06 -42.25 28.02
C4B HEM I . -16.25 -42.99 28.31
CMB HEM I . -13.55 -42.04 26.02
CAB HEM I . -14.36 -41.33 28.92
CBB HEM I . -13.05 -41.34 29.03
C1C HEM I . -18.18 -43.38 29.67
C2C HEM I . -19.07 -43.00 30.64
C3C HEM I . -20.19 -43.73 30.48
C4C HEM I . -19.98 -44.57 29.38
CMC HEM I . -18.84 -41.97 31.71
CAC HEM I . -21.40 -43.65 31.30
CBC HEM I . -21.35 -43.71 32.62
C1D HEM I . -20.67 -46.17 27.73
C2D HEM I . -21.60 -47.16 27.27
C3D HEM I . -21.15 -47.61 26.13
C4D HEM I . -19.92 -46.90 25.92
CMD HEM I . -22.84 -47.56 27.96
CAD HEM I . -21.71 -48.68 25.23
CBD HEM I . -23.01 -48.35 24.55
CGD HEM I . -23.45 -49.36 23.54
O1D HEM I . -23.76 -48.99 22.44
O2D HEM I . -23.58 -50.55 23.76
NA HEM I . -17.52 -45.50 25.31
NB HEM I . -16.57 -43.70 27.24
NC HEM I . -18.74 -44.32 28.90
ND HEM I . -19.66 -46.06 26.89
FE HEM I . -18.18 -44.99 27.05
N1 BZI J . -37.48 -34.82 19.78
C2 BZI J . -37.29 -34.00 20.84
N3 BZI J . -37.11 -34.77 21.94
C3A BZI J . -37.18 -36.10 21.57
C4 BZI J . -37.07 -37.31 22.30
C5 BZI J . -37.19 -38.54 21.65
C6 BZI J . -37.43 -38.57 20.26
C7 BZI J . -37.55 -37.38 19.54
C7A BZI J . -37.42 -36.13 20.21
CHA HEM K . 8.71 40.43 -39.28
CHB HEM K . 9.86 35.87 -40.25
CHC HEM K . 10.53 35.09 -35.55
CHD HEM K . 9.91 39.76 -34.72
C1A HEM K . 9.01 39.26 -39.89
C2A HEM K . 8.99 39.15 -41.28
C3A HEM K . 9.27 37.89 -41.56
C4A HEM K . 9.50 37.20 -40.37
CMA HEM K . 9.33 37.40 -42.96
CAA HEM K . 8.64 40.22 -42.28
CBA HEM K . 9.68 41.31 -42.49
CGA HEM K . 9.25 42.27 -43.56
O1A HEM K . 8.56 41.89 -44.50
O2A HEM K . 9.56 43.46 -43.54
C1B HEM K . 10.13 35.30 -39.00
C2B HEM K . 10.46 33.95 -38.86
C3B HEM K . 10.64 33.72 -37.55
C4B HEM K . 10.41 34.98 -36.90
CMB HEM K . 10.59 32.91 -39.93
CAB HEM K . 11.00 32.48 -36.87
CBB HEM K . 10.56 31.32 -37.26
C1C HEM K . 10.51 36.30 -34.92
C2C HEM K . 10.89 36.54 -33.62
C3C HEM K . 10.73 37.87 -33.37
C4C HEM K . 10.23 38.44 -34.56
CMC HEM K . 11.41 35.54 -32.64
CAC HEM K . 11.01 38.57 -32.13
CBC HEM K . 11.64 37.97 -31.14
C1D HEM K . 9.50 40.27 -35.94
C2D HEM K . 9.13 41.66 -36.08
C3D HEM K . 8.81 41.89 -37.34
C4D HEM K . 8.97 40.59 -37.96
CMD HEM K . 9.14 42.64 -34.96
CAD HEM K . 8.31 43.19 -37.98
CBD HEM K . 9.31 44.25 -38.41
CGD HEM K . 8.80 45.41 -39.26
O1D HEM K . 9.45 45.84 -40.21
O2D HEM K . 7.75 45.99 -39.01
NA HEM K . 9.33 38.06 -39.34
NB HEM K . 10.11 35.87 -37.82
NC HEM K . 10.10 37.44 -35.48
ND HEM K . 9.39 39.64 -37.09
FE HEM K . 9.70 37.84 -37.43
#